data_5BTR
#
_entry.id   5BTR
#
_cell.length_a   133.890
_cell.length_b   133.890
_cell.length_c   106.707
_cell.angle_alpha   90.00
_cell.angle_beta   90.00
_cell.angle_gamma   90.00
#
_symmetry.space_group_name_H-M   'P 41'
#
loop_
_entity.id
_entity.type
_entity.pdbx_description
1 polymer 'NAD-dependent protein deacetylase sirtuin-1'
2 polymer 'AMC-containing peptide'
3 non-polymer 'ZINC ION'
4 non-polymer RESVERATROL
5 water water
#
loop_
_entity_poly.entity_id
_entity_poly.type
_entity_poly.pdbx_seq_one_letter_code
_entity_poly.pdbx_strand_id
1 'polypeptide(L)'
;GSRDNLLFGDEIITNGFHSCESDEEDRASHASSSDWTPRPRIGPYTFVQQHLMIGTDPRTILKDLLPETIPPPELDDMTL
WQIVINILSEPPKRKKRKDINTIEDAVKLLQESKKIIVLTGAGVSVSSGIPDFRSRDGIYARLAVDFPDLPDPQAMFDIE
YFRKDPRPFFKFAKEIYPGQFQPSLCHKFIALSDKEGKLLRNYTQNIDTLEQVAGIQRIIQCHGSFATASCLICKYKVDC
EAVRGDIFNQVVPRCPRCPADEPLAIMKPEIVFFGENLPEQFHRAMKYDKDEVDLLIVIGSSLKVRPVALIPSSIPHEVP
QILINREPLPHLHFDVELLGDCDVIINELCHRLGGEYAKLSSNPVKLSEITEQYLFLPPNRYIFHGAEVYSDSEDDV
;
A,B,C
2 'polypeptide(L)' (ACE)RHK(FDL) D,E,F
#
# COMPACT_ATOMS: atom_id res chain seq x y z
N ASP A 4 -12.92 2.20 -21.69
CA ASP A 4 -11.51 2.32 -21.34
C ASP A 4 -11.33 2.07 -19.84
N ASN A 5 -10.08 1.98 -19.40
CA ASN A 5 -9.77 1.73 -18.00
C ASN A 5 -9.07 2.87 -17.25
N LEU A 6 -9.01 2.76 -15.93
CA LEU A 6 -8.28 3.75 -15.14
C LEU A 6 -6.76 3.60 -15.23
N LEU A 7 -6.29 2.39 -15.53
CA LEU A 7 -4.86 2.15 -15.51
C LEU A 7 -4.22 2.50 -16.85
N PHE A 8 -2.98 2.96 -16.74
CA PHE A 8 -2.23 3.53 -17.84
C PHE A 8 -1.10 2.59 -18.23
N GLY A 9 -0.87 1.60 -17.39
CA GLY A 9 0.14 0.58 -17.64
C GLY A 9 1.50 0.82 -16.99
N ASP A 10 1.70 2.00 -16.42
CA ASP A 10 3.00 2.31 -15.83
C ASP A 10 2.97 2.16 -14.32
N GLU A 11 1.83 1.78 -13.79
CA GLU A 11 1.68 1.63 -12.35
C GLU A 11 2.53 0.49 -11.85
N ILE A 12 2.93 0.57 -10.58
CA ILE A 12 3.68 -0.52 -9.98
C ILE A 12 2.79 -1.18 -8.95
N ILE A 13 2.72 -2.50 -9.02
CA ILE A 13 1.77 -3.27 -8.24
C ILE A 13 2.40 -3.81 -6.96
N THR A 14 2.05 -3.21 -5.84
CA THR A 14 2.65 -3.61 -4.57
C THR A 14 1.75 -4.53 -3.77
N ASN A 15 2.38 -5.37 -2.93
CA ASN A 15 1.68 -6.34 -2.10
C ASN A 15 1.79 -6.04 -0.60
N GLY A 16 2.89 -6.47 0.01
CA GLY A 16 3.10 -6.25 1.43
C GLY A 16 4.55 -6.43 1.86
N SER A 34 12.33 8.20 -17.59
CA SER A 34 13.01 8.57 -16.36
C SER A 34 12.02 8.90 -15.24
N ASP A 35 12.15 8.22 -14.10
CA ASP A 35 11.17 8.36 -13.01
C ASP A 35 11.65 9.14 -11.79
N TRP A 36 11.43 10.46 -11.84
CA TRP A 36 11.84 11.38 -10.78
C TRP A 36 10.70 11.71 -9.81
N THR A 37 9.47 11.58 -10.28
CA THR A 37 8.29 11.61 -9.41
C THR A 37 7.69 10.22 -9.29
N PRO A 38 7.13 9.90 -8.10
CA PRO A 38 6.58 8.57 -7.83
C PRO A 38 5.49 8.13 -8.82
N ARG A 39 5.59 6.90 -9.28
CA ARG A 39 4.53 6.27 -10.07
C ARG A 39 3.37 5.91 -9.16
N PRO A 40 2.16 5.82 -9.72
CA PRO A 40 1.03 5.37 -8.91
C PRO A 40 1.25 3.94 -8.41
N ARG A 41 0.68 3.63 -7.25
CA ARG A 41 0.76 2.30 -6.67
C ARG A 41 -0.63 1.67 -6.53
N ILE A 42 -0.78 0.45 -7.04
CA ILE A 42 -2.04 -0.28 -6.87
C ILE A 42 -1.81 -1.61 -6.15
N GLY A 43 -2.86 -2.08 -5.49
CA GLY A 43 -2.87 -3.42 -4.93
C GLY A 43 -3.17 -4.41 -6.03
N PRO A 44 -2.72 -5.66 -5.87
CA PRO A 44 -3.01 -6.67 -6.90
C PRO A 44 -4.50 -6.90 -7.08
N TYR A 45 -5.26 -6.84 -5.98
CA TYR A 45 -6.71 -6.99 -6.06
C TYR A 45 -7.36 -5.82 -6.77
N THR A 46 -6.89 -4.62 -6.49
CA THR A 46 -7.39 -3.42 -7.15
C THR A 46 -7.10 -3.49 -8.66
N PHE A 47 -5.87 -3.87 -8.98
CA PHE A 47 -5.40 -4.06 -10.35
C PHE A 47 -6.30 -5.03 -11.13
N VAL A 48 -6.45 -6.23 -10.58
CA VAL A 48 -7.27 -7.25 -11.23
C VAL A 48 -8.72 -6.80 -11.31
N GLN A 49 -9.18 -6.06 -10.30
CA GLN A 49 -10.52 -5.48 -10.29
C GLN A 49 -10.74 -4.66 -11.54
N GLN A 50 -9.81 -3.73 -11.75
CA GLN A 50 -9.81 -2.87 -12.92
C GLN A 50 -9.90 -3.67 -14.21
N HIS A 51 -9.01 -4.65 -14.32
CA HIS A 51 -8.96 -5.46 -15.53
C HIS A 51 -10.21 -6.30 -15.74
N LEU A 52 -10.92 -6.60 -14.66
CA LEU A 52 -12.20 -7.29 -14.79
C LEU A 52 -13.18 -6.31 -15.40
N MET A 53 -13.19 -5.09 -14.87
CA MET A 53 -14.10 -4.05 -15.36
C MET A 53 -13.92 -3.83 -16.85
N ILE A 54 -12.69 -3.95 -17.35
CA ILE A 54 -12.51 -3.88 -18.80
C ILE A 54 -12.90 -5.18 -19.48
N GLY A 55 -12.88 -6.28 -18.73
CA GLY A 55 -13.08 -7.60 -19.30
C GLY A 55 -11.91 -8.11 -20.13
N THR A 56 -10.69 -7.87 -19.66
CA THR A 56 -9.48 -8.35 -20.35
C THR A 56 -9.25 -9.83 -20.10
N ASP A 57 -8.68 -10.51 -21.08
CA ASP A 57 -8.45 -11.95 -20.99
C ASP A 57 -7.27 -12.25 -20.07
N PRO A 58 -7.51 -12.98 -18.98
CA PRO A 58 -6.47 -13.27 -17.98
C PRO A 58 -5.24 -13.91 -18.58
N ARG A 59 -5.41 -14.70 -19.63
CA ARG A 59 -4.30 -15.35 -20.31
C ARG A 59 -3.25 -14.31 -20.76
N THR A 60 -3.72 -13.12 -21.11
CA THR A 60 -2.87 -12.02 -21.51
C THR A 60 -1.91 -11.62 -20.40
N ILE A 61 -2.49 -11.21 -19.26
CA ILE A 61 -1.72 -10.78 -18.12
C ILE A 61 -0.79 -11.90 -17.65
N LEU A 62 -1.29 -13.13 -17.76
CA LEU A 62 -0.51 -14.30 -17.40
C LEU A 62 0.70 -14.41 -18.31
N LYS A 63 0.52 -14.08 -19.60
CA LYS A 63 1.63 -14.12 -20.55
C LYS A 63 2.58 -12.94 -20.38
N ASP A 64 2.12 -11.87 -19.74
CA ASP A 64 3.00 -10.73 -19.46
C ASP A 64 3.86 -10.99 -18.23
N LEU A 65 3.29 -11.72 -17.28
CA LEU A 65 4.01 -12.01 -16.05
C LEU A 65 4.94 -13.20 -16.28
N LEU A 66 4.41 -14.20 -16.97
CA LEU A 66 5.15 -15.40 -17.31
C LEU A 66 5.10 -15.62 -18.82
N PRO A 67 6.02 -14.99 -19.55
CA PRO A 67 6.02 -15.07 -21.01
C PRO A 67 6.35 -16.45 -21.55
N GLU A 68 7.12 -17.24 -20.79
CA GLU A 68 7.65 -18.50 -21.29
C GLU A 68 6.70 -19.70 -21.18
N THR A 69 5.49 -19.50 -20.66
CA THR A 69 4.58 -20.62 -20.43
C THR A 69 3.12 -20.30 -20.65
N ILE A 70 2.42 -21.26 -21.25
CA ILE A 70 0.99 -21.13 -21.49
C ILE A 70 0.20 -21.92 -20.45
N PRO A 71 -0.81 -21.28 -19.84
CA PRO A 71 -1.73 -22.01 -18.97
C PRO A 71 -2.55 -23.04 -19.75
N PRO A 72 -2.62 -24.27 -19.22
CA PRO A 72 -3.49 -25.33 -19.73
C PRO A 72 -4.92 -24.85 -19.92
N PRO A 73 -5.56 -25.28 -21.00
CA PRO A 73 -6.86 -24.75 -21.43
C PRO A 73 -7.98 -25.11 -20.48
N GLU A 74 -7.74 -26.07 -19.59
CA GLU A 74 -8.81 -26.53 -18.71
C GLU A 74 -8.92 -25.58 -17.53
N LEU A 75 -8.30 -24.41 -17.66
CA LEU A 75 -8.33 -23.43 -16.59
C LEU A 75 -9.42 -22.40 -16.83
N ASP A 76 -10.41 -22.41 -15.94
CA ASP A 76 -11.44 -21.39 -15.91
C ASP A 76 -10.77 -20.03 -15.73
N ASP A 77 -11.41 -18.99 -16.25
CA ASP A 77 -10.89 -17.62 -16.15
C ASP A 77 -10.66 -17.14 -14.71
N MET A 78 -11.58 -17.43 -13.81
CA MET A 78 -11.45 -16.99 -12.42
C MET A 78 -10.23 -17.62 -11.75
N THR A 79 -9.98 -18.89 -12.04
CA THR A 79 -8.79 -19.55 -11.55
C THR A 79 -7.56 -18.79 -12.01
N LEU A 80 -7.49 -18.52 -13.32
CA LEU A 80 -6.37 -17.79 -13.88
C LEU A 80 -6.16 -16.47 -13.16
N TRP A 81 -7.26 -15.80 -12.83
CA TRP A 81 -7.14 -14.54 -12.11
C TRP A 81 -6.54 -14.78 -10.73
N GLN A 82 -6.95 -15.87 -10.07
CA GLN A 82 -6.39 -16.22 -8.77
C GLN A 82 -4.88 -16.46 -8.88
N ILE A 83 -4.47 -17.09 -9.97
CA ILE A 83 -3.06 -17.29 -10.27
C ILE A 83 -2.31 -15.97 -10.45
N VAL A 84 -2.94 -15.03 -11.15
CA VAL A 84 -2.37 -13.70 -11.34
C VAL A 84 -2.22 -12.94 -10.01
N ILE A 85 -3.23 -13.01 -9.16
CA ILE A 85 -3.14 -12.36 -7.86
C ILE A 85 -2.03 -13.00 -7.05
N ASN A 86 -1.93 -14.33 -7.15
CA ASN A 86 -0.80 -15.04 -6.56
C ASN A 86 0.54 -14.50 -7.01
N ILE A 87 0.77 -14.52 -8.31
CA ILE A 87 2.03 -14.03 -8.87
C ILE A 87 2.32 -12.62 -8.39
N LEU A 88 1.32 -11.74 -8.47
CA LEU A 88 1.47 -10.35 -8.07
C LEU A 88 1.76 -10.20 -6.58
N SER A 89 1.38 -11.20 -5.79
CA SER A 89 1.56 -11.13 -4.34
C SER A 89 2.88 -11.72 -3.85
N GLU A 90 3.62 -12.35 -4.75
CA GLU A 90 4.84 -13.06 -4.37
C GLU A 90 5.87 -12.14 -3.72
N PRO A 91 6.70 -12.70 -2.83
CA PRO A 91 7.66 -11.90 -2.05
C PRO A 91 8.73 -11.23 -2.91
N PRO A 92 9.40 -10.21 -2.35
CA PRO A 92 10.47 -9.54 -3.08
C PRO A 92 11.68 -10.46 -3.25
N LYS A 93 12.31 -10.45 -4.42
CA LYS A 93 13.51 -11.26 -4.63
C LYS A 93 14.66 -10.70 -3.81
N ARG A 94 15.58 -11.60 -3.45
CA ARG A 94 16.70 -11.29 -2.58
C ARG A 94 17.85 -10.57 -3.27
N LYS A 95 18.36 -9.52 -2.64
CA LYS A 95 19.57 -8.85 -3.13
C LYS A 95 20.81 -9.65 -2.74
N LYS A 96 21.69 -9.92 -3.71
CA LYS A 96 22.90 -10.70 -3.45
C LYS A 96 23.74 -10.09 -2.34
N ARG A 97 24.18 -10.93 -1.42
CA ARG A 97 25.02 -10.46 -0.33
C ARG A 97 26.47 -10.33 -0.81
N LYS A 98 27.00 -9.11 -0.79
CA LYS A 98 28.33 -8.84 -1.34
C LYS A 98 29.47 -9.24 -0.42
N ASP A 99 29.14 -9.69 0.79
CA ASP A 99 30.14 -10.22 1.71
C ASP A 99 30.70 -11.47 1.06
N ILE A 100 29.77 -12.32 0.66
CA ILE A 100 30.02 -13.67 0.17
C ILE A 100 30.13 -13.68 -1.35
N ASN A 101 31.25 -14.22 -1.87
CA ASN A 101 31.46 -14.27 -3.31
C ASN A 101 32.13 -15.56 -3.79
N THR A 102 33.17 -15.97 -3.07
CA THR A 102 34.07 -17.04 -3.53
C THR A 102 33.70 -18.44 -3.07
N ILE A 103 34.28 -19.43 -3.73
CA ILE A 103 34.06 -20.82 -3.35
C ILE A 103 34.70 -21.07 -1.98
N GLU A 104 35.73 -20.28 -1.68
CA GLU A 104 36.35 -20.30 -0.36
C GLU A 104 35.33 -19.89 0.70
N ASP A 105 34.72 -18.73 0.46
CA ASP A 105 33.62 -18.22 1.28
C ASP A 105 32.57 -19.29 1.44
N ALA A 106 32.28 -20.00 0.35
CA ALA A 106 31.25 -21.03 0.35
C ALA A 106 31.59 -22.17 1.30
N VAL A 107 32.83 -22.65 1.25
CA VAL A 107 33.23 -23.75 2.14
C VAL A 107 33.27 -23.30 3.60
N LYS A 108 33.72 -22.05 3.80
CA LYS A 108 33.69 -21.48 5.14
C LYS A 108 32.26 -21.50 5.68
N LEU A 109 31.29 -21.18 4.83
CA LEU A 109 29.89 -21.24 5.23
C LEU A 109 29.45 -22.66 5.52
N LEU A 110 29.81 -23.61 4.65
CA LEU A 110 29.41 -24.99 4.85
C LEU A 110 30.01 -25.60 6.10
N GLN A 111 31.04 -24.94 6.63
CA GLN A 111 31.63 -25.43 7.86
C GLN A 111 31.03 -24.74 9.07
N GLU A 112 30.92 -23.43 9.01
CA GLU A 112 30.42 -22.67 10.14
C GLU A 112 28.92 -22.88 10.38
N SER A 113 28.17 -23.19 9.31
CA SER A 113 26.71 -23.26 9.41
C SER A 113 26.23 -24.47 10.20
N LYS A 114 25.07 -24.32 10.84
CA LYS A 114 24.58 -25.31 11.78
C LYS A 114 23.18 -25.81 11.44
N LYS A 115 22.44 -24.98 10.70
CA LYS A 115 21.07 -25.33 10.28
C LYS A 115 20.89 -25.08 8.80
N ILE A 116 21.37 -26.02 7.98
CA ILE A 116 21.45 -25.84 6.55
C ILE A 116 20.22 -26.41 5.83
N ILE A 117 19.63 -25.63 4.95
CA ILE A 117 18.53 -26.14 4.14
C ILE A 117 19.05 -26.46 2.76
N VAL A 118 18.79 -27.66 2.30
CA VAL A 118 19.22 -28.04 0.96
C VAL A 118 18.02 -28.27 0.07
N LEU A 119 17.96 -27.51 -1.01
CA LEU A 119 16.88 -27.58 -1.97
C LEU A 119 17.37 -28.31 -3.20
N THR A 120 16.85 -29.50 -3.49
CA THR A 120 17.36 -30.24 -4.63
C THR A 120 16.35 -30.45 -5.73
N GLY A 121 16.87 -30.74 -6.91
CA GLY A 121 16.06 -31.02 -8.08
C GLY A 121 16.71 -32.15 -8.85
N ALA A 122 16.34 -32.34 -10.10
CA ALA A 122 16.72 -33.53 -10.84
C ALA A 122 18.22 -33.63 -11.02
N GLY A 123 18.93 -32.53 -10.78
CA GLY A 123 20.37 -32.51 -10.94
C GLY A 123 21.15 -33.40 -10.00
N VAL A 124 20.49 -33.88 -8.95
CA VAL A 124 21.15 -34.75 -7.99
C VAL A 124 20.92 -36.22 -8.34
N SER A 125 20.13 -36.46 -9.39
CA SER A 125 19.85 -37.82 -9.85
C SER A 125 20.33 -38.05 -11.29
N VAL A 126 21.13 -37.14 -11.81
CA VAL A 126 21.65 -37.24 -13.18
C VAL A 126 22.58 -38.43 -13.36
N SER A 127 23.53 -38.53 -12.44
CA SER A 127 24.50 -39.61 -12.41
C SER A 127 23.87 -40.96 -12.05
N SER A 128 22.60 -40.95 -11.67
CA SER A 128 21.91 -42.16 -11.24
C SER A 128 21.26 -42.95 -12.37
N GLY A 129 21.14 -42.35 -13.55
CA GLY A 129 20.64 -43.06 -14.70
C GLY A 129 19.14 -42.96 -14.93
N ILE A 130 18.49 -42.00 -14.30
CA ILE A 130 17.05 -41.84 -14.49
C ILE A 130 16.77 -41.05 -15.75
N PRO A 131 16.07 -41.68 -16.71
CA PRO A 131 15.69 -41.07 -17.99
C PRO A 131 15.01 -39.71 -17.81
N ASP A 132 15.21 -38.80 -18.78
CA ASP A 132 14.60 -37.48 -18.70
C ASP A 132 13.14 -37.54 -19.11
N PHE A 133 12.27 -37.56 -18.11
CA PHE A 133 10.83 -37.58 -18.32
C PHE A 133 10.31 -36.14 -18.30
N ARG A 134 11.24 -35.22 -18.47
CA ARG A 134 10.94 -33.80 -18.44
C ARG A 134 11.31 -33.18 -19.78
N SER A 135 12.09 -33.93 -20.56
CA SER A 135 12.52 -33.46 -21.87
C SER A 135 11.66 -34.06 -22.98
N ARG A 136 11.71 -33.45 -24.15
CA ARG A 136 10.82 -33.83 -25.25
C ARG A 136 11.35 -34.95 -26.13
N ASP A 137 12.56 -35.42 -25.85
CA ASP A 137 13.16 -36.47 -26.66
C ASP A 137 13.32 -37.75 -25.88
N GLY A 138 13.06 -37.67 -24.58
CA GLY A 138 13.17 -38.83 -23.71
C GLY A 138 12.02 -39.81 -23.90
N ILE A 139 11.43 -40.23 -22.79
CA ILE A 139 10.30 -41.15 -22.81
C ILE A 139 9.14 -40.52 -23.59
N TYR A 140 9.10 -39.19 -23.54
CA TYR A 140 8.00 -38.46 -24.16
C TYR A 140 7.90 -38.70 -25.66
N ALA A 141 9.01 -39.00 -26.31
CA ALA A 141 9.01 -39.26 -27.76
C ALA A 141 8.10 -40.44 -28.13
N ARG A 142 8.44 -41.61 -27.59
CA ARG A 142 7.67 -42.83 -27.83
C ARG A 142 6.26 -42.68 -27.26
N LEU A 143 6.14 -42.08 -26.08
CA LEU A 143 4.81 -41.93 -25.50
C LEU A 143 3.88 -41.08 -26.36
N ALA A 144 4.42 -39.98 -26.89
CA ALA A 144 3.66 -39.07 -27.75
C ALA A 144 3.26 -39.80 -29.01
N VAL A 145 4.19 -40.58 -29.54
CA VAL A 145 3.91 -41.40 -30.70
C VAL A 145 2.71 -42.32 -30.43
N ASP A 146 2.69 -42.91 -29.24
CA ASP A 146 1.61 -43.84 -28.87
C ASP A 146 0.33 -43.13 -28.42
N PHE A 147 0.48 -41.96 -27.81
CA PHE A 147 -0.67 -41.18 -27.37
C PHE A 147 -0.53 -39.74 -27.87
N PRO A 148 -1.02 -39.46 -29.08
CA PRO A 148 -0.88 -38.14 -29.70
C PRO A 148 -1.72 -37.05 -29.04
N ASP A 149 -2.45 -37.40 -27.99
CA ASP A 149 -3.22 -36.40 -27.27
C ASP A 149 -2.35 -35.60 -26.31
N LEU A 150 -1.20 -36.18 -25.95
CA LEU A 150 -0.25 -35.55 -25.06
C LEU A 150 0.48 -34.38 -25.74
N PRO A 151 0.29 -33.16 -25.22
CA PRO A 151 0.93 -31.95 -25.75
C PRO A 151 2.42 -31.86 -25.47
N ASP A 152 2.82 -32.16 -24.24
CA ASP A 152 4.21 -32.01 -23.81
C ASP A 152 4.49 -32.91 -22.61
N PRO A 153 5.78 -33.13 -22.28
CA PRO A 153 6.14 -33.99 -21.14
C PRO A 153 5.40 -33.68 -19.85
N GLN A 154 5.18 -32.40 -19.56
CA GLN A 154 4.55 -32.04 -18.30
C GLN A 154 3.12 -32.57 -18.20
N ALA A 155 2.47 -32.75 -19.34
CA ALA A 155 1.11 -33.27 -19.35
C ALA A 155 1.07 -34.69 -18.79
N MET A 156 2.22 -35.35 -18.79
CA MET A 156 2.36 -36.69 -18.24
C MET A 156 2.05 -36.66 -16.75
N PHE A 157 2.23 -35.49 -16.14
CA PHE A 157 1.96 -35.28 -14.72
C PHE A 157 0.81 -34.30 -14.48
N ASP A 158 0.01 -34.06 -15.52
CA ASP A 158 -1.17 -33.21 -15.35
C ASP A 158 -2.32 -34.04 -14.78
N ILE A 159 -2.92 -33.56 -13.71
CA ILE A 159 -3.92 -34.33 -12.99
C ILE A 159 -5.18 -34.52 -13.83
N GLU A 160 -5.50 -33.51 -14.63
CA GLU A 160 -6.70 -33.57 -15.44
C GLU A 160 -6.54 -34.59 -16.56
N TYR A 161 -5.36 -34.60 -17.18
CA TYR A 161 -5.09 -35.56 -18.23
C TYR A 161 -5.08 -36.97 -17.67
N PHE A 162 -4.50 -37.12 -16.49
CA PHE A 162 -4.42 -38.40 -15.82
C PHE A 162 -5.80 -38.95 -15.58
N ARG A 163 -6.69 -38.08 -15.11
CA ARG A 163 -8.09 -38.42 -14.94
C ARG A 163 -8.67 -38.89 -16.27
N LYS A 164 -8.41 -38.11 -17.32
CA LYS A 164 -8.90 -38.41 -18.66
C LYS A 164 -8.35 -39.75 -19.21
N ASP A 165 -7.04 -39.94 -19.07
CA ASP A 165 -6.39 -41.16 -19.55
C ASP A 165 -5.06 -41.40 -18.85
N PRO A 166 -5.04 -42.33 -17.89
CA PRO A 166 -3.83 -42.57 -17.11
C PRO A 166 -2.88 -43.51 -17.82
N ARG A 167 -3.25 -43.96 -19.01
CA ARG A 167 -2.41 -44.91 -19.76
C ARG A 167 -0.98 -44.41 -19.99
N PRO A 168 -0.80 -43.16 -20.50
CA PRO A 168 0.58 -42.74 -20.75
C PRO A 168 1.42 -42.71 -19.48
N PHE A 169 0.81 -42.30 -18.38
CA PHE A 169 1.55 -42.21 -17.13
C PHE A 169 2.08 -43.58 -16.70
N PHE A 170 1.28 -44.63 -16.89
CA PHE A 170 1.67 -45.97 -16.47
C PHE A 170 2.48 -46.75 -17.52
N LYS A 171 2.37 -46.34 -18.78
CA LYS A 171 3.25 -46.85 -19.83
C LYS A 171 4.66 -46.34 -19.54
N PHE A 172 4.70 -45.23 -18.83
CA PHE A 172 5.90 -44.54 -18.42
C PHE A 172 6.36 -44.86 -17.01
N ALA A 173 5.43 -45.30 -16.16
CA ALA A 173 5.72 -45.44 -14.74
C ALA A 173 6.89 -46.38 -14.46
N LYS A 174 6.84 -47.56 -15.05
CA LYS A 174 7.82 -48.60 -14.78
C LYS A 174 9.23 -48.16 -15.13
N GLU A 175 9.36 -47.15 -15.98
CA GLU A 175 10.66 -46.65 -16.42
C GLU A 175 11.39 -45.94 -15.30
N ILE A 176 10.65 -45.29 -14.40
CA ILE A 176 11.32 -44.53 -13.34
C ILE A 176 11.02 -45.03 -11.94
N TYR A 177 10.49 -46.25 -11.85
CA TYR A 177 10.09 -46.81 -10.55
C TYR A 177 11.27 -47.01 -9.58
N PRO A 178 11.04 -46.78 -8.28
CA PRO A 178 12.05 -46.72 -7.20
C PRO A 178 12.93 -47.95 -6.96
N GLY A 179 12.73 -49.04 -7.65
CA GLY A 179 13.57 -50.21 -7.41
C GLY A 179 14.98 -50.28 -8.00
N GLN A 180 15.29 -49.52 -9.05
CA GLN A 180 16.52 -49.79 -9.79
C GLN A 180 17.47 -48.61 -10.02
N PHE A 181 17.64 -47.75 -9.03
CA PHE A 181 18.55 -46.63 -9.22
C PHE A 181 19.39 -46.40 -7.99
N GLN A 182 20.60 -45.91 -8.18
CA GLN A 182 21.51 -45.74 -7.06
C GLN A 182 21.76 -44.27 -6.75
N PRO A 183 21.93 -43.93 -5.46
CA PRO A 183 22.21 -42.56 -5.04
C PRO A 183 23.47 -41.97 -5.68
N SER A 184 23.48 -40.65 -5.80
CA SER A 184 24.62 -39.92 -6.34
C SER A 184 25.56 -39.45 -5.25
N LEU A 185 26.65 -38.81 -5.66
CA LEU A 185 27.57 -38.21 -4.71
C LEU A 185 26.79 -37.18 -3.91
N CYS A 186 25.88 -36.49 -4.59
CA CYS A 186 25.10 -35.42 -3.97
C CYS A 186 24.25 -35.96 -2.85
N HIS A 187 23.49 -37.02 -3.15
CA HIS A 187 22.67 -37.67 -2.14
C HIS A 187 23.53 -38.04 -0.92
N LYS A 188 24.66 -38.69 -1.19
CA LYS A 188 25.56 -39.14 -0.14
C LYS A 188 26.10 -37.98 0.69
N PHE A 189 26.36 -36.88 0.01
CA PHE A 189 26.85 -35.66 0.64
C PHE A 189 25.81 -35.11 1.62
N ILE A 190 24.57 -35.04 1.15
CA ILE A 190 23.46 -34.52 1.95
C ILE A 190 23.22 -35.41 3.15
N ALA A 191 23.24 -36.71 2.91
CA ALA A 191 23.04 -37.71 3.94
C ALA A 191 24.12 -37.59 5.01
N LEU A 192 25.34 -37.34 4.56
CA LEU A 192 26.45 -37.17 5.48
C LEU A 192 26.27 -35.89 6.30
N SER A 193 25.87 -34.81 5.65
CA SER A 193 25.60 -33.58 6.41
C SER A 193 24.49 -33.80 7.42
N ASP A 194 23.62 -34.77 7.14
CA ASP A 194 22.55 -35.08 8.07
C ASP A 194 23.07 -35.89 9.25
N LYS A 195 23.93 -36.86 8.98
CA LYS A 195 24.59 -37.61 10.04
C LYS A 195 25.26 -36.62 10.98
N GLU A 196 26.07 -35.73 10.42
CA GLU A 196 26.81 -34.75 11.21
C GLU A 196 25.86 -33.75 11.88
N GLY A 197 24.58 -33.82 11.54
CA GLY A 197 23.57 -33.03 12.21
C GLY A 197 23.52 -31.56 11.84
N LYS A 198 24.11 -31.22 10.71
CA LYS A 198 24.10 -29.85 10.23
C LYS A 198 22.91 -29.61 9.29
N LEU A 199 22.31 -30.69 8.82
CA LEU A 199 21.23 -30.56 7.84
C LEU A 199 19.93 -30.23 8.54
N LEU A 200 19.42 -29.02 8.31
CA LEU A 200 18.13 -28.65 8.87
C LEU A 200 17.01 -29.35 8.13
N ARG A 201 17.13 -29.42 6.81
CA ARG A 201 16.12 -30.09 6.00
C ARG A 201 16.57 -30.20 4.54
N ASN A 202 16.25 -31.31 3.90
CA ASN A 202 16.46 -31.40 2.47
C ASN A 202 15.13 -31.41 1.73
N TYR A 203 14.75 -30.26 1.21
CA TYR A 203 13.58 -30.17 0.35
C TYR A 203 13.96 -30.69 -1.04
N THR A 204 13.29 -31.75 -1.49
CA THR A 204 13.56 -32.27 -2.82
C THR A 204 12.32 -32.21 -3.67
N GLN A 205 12.51 -31.94 -4.96
CA GLN A 205 11.39 -31.95 -5.89
C GLN A 205 11.40 -33.25 -6.66
N ASN A 206 12.35 -34.10 -6.33
CA ASN A 206 12.47 -35.38 -7.01
C ASN A 206 11.49 -36.37 -6.44
N ILE A 207 11.07 -37.30 -7.31
CA ILE A 207 10.09 -38.31 -6.95
C ILE A 207 10.70 -39.69 -7.10
N ASP A 208 12.03 -39.75 -7.08
CA ASP A 208 12.77 -40.99 -7.30
C ASP A 208 13.03 -41.72 -5.99
N THR A 209 12.74 -41.04 -4.89
CA THR A 209 12.88 -41.60 -3.54
C THR A 209 14.31 -42.02 -3.21
N LEU A 210 15.27 -41.48 -3.94
CA LEU A 210 16.67 -41.80 -3.70
C LEU A 210 17.23 -41.11 -2.46
N GLU A 211 16.57 -40.06 -1.99
CA GLU A 211 17.02 -39.36 -0.79
C GLU A 211 16.93 -40.32 0.40
N GLN A 212 15.88 -41.14 0.40
CA GLN A 212 15.67 -42.13 1.45
C GLN A 212 16.69 -43.25 1.36
N VAL A 213 16.86 -43.78 0.15
CA VAL A 213 17.83 -44.84 -0.13
C VAL A 213 19.24 -44.44 0.30
N ALA A 214 19.57 -43.16 0.16
CA ALA A 214 20.88 -42.67 0.54
C ALA A 214 20.98 -42.44 2.04
N GLY A 215 19.85 -42.60 2.73
CA GLY A 215 19.82 -42.50 4.17
C GLY A 215 19.72 -41.10 4.74
N ILE A 216 19.16 -40.18 3.97
CA ILE A 216 18.87 -38.85 4.51
C ILE A 216 17.64 -39.00 5.39
N GLN A 217 17.69 -38.40 6.58
CA GLN A 217 16.61 -38.62 7.54
C GLN A 217 15.62 -37.46 7.53
N ARG A 218 16.14 -36.24 7.46
CA ARG A 218 15.29 -35.05 7.46
C ARG A 218 14.97 -34.58 6.04
N ILE A 219 14.13 -35.35 5.34
CA ILE A 219 13.75 -34.98 3.99
C ILE A 219 12.28 -34.54 3.93
N ILE A 220 11.99 -33.65 3.00
CA ILE A 220 10.63 -33.25 2.68
C ILE A 220 10.46 -33.39 1.19
N GLN A 221 9.61 -34.32 0.76
CA GLN A 221 9.46 -34.52 -0.67
C GLN A 221 8.34 -33.68 -1.24
N CYS A 222 8.72 -32.45 -1.61
CA CYS A 222 7.79 -31.38 -2.00
C CYS A 222 6.80 -31.77 -3.07
N HIS A 223 7.18 -32.65 -3.99
CA HIS A 223 6.23 -33.04 -5.02
C HIS A 223 5.78 -34.49 -4.86
N GLY A 224 5.93 -35.03 -3.66
CA GLY A 224 5.55 -36.40 -3.40
C GLY A 224 6.59 -37.39 -3.88
N SER A 225 6.20 -38.66 -4.01
CA SER A 225 7.09 -39.72 -4.45
C SER A 225 6.29 -40.97 -4.85
N PHE A 226 6.97 -42.01 -5.32
CA PHE A 226 6.27 -43.26 -5.67
C PHE A 226 6.04 -44.15 -4.44
N ALA A 227 6.50 -43.67 -3.29
CA ALA A 227 6.46 -44.43 -2.04
C ALA A 227 5.09 -45.06 -1.75
N THR A 228 4.01 -44.33 -2.01
CA THR A 228 2.67 -44.90 -1.86
C THR A 228 1.79 -44.58 -3.06
N ALA A 229 0.66 -45.28 -3.15
CA ALA A 229 -0.33 -44.97 -4.15
C ALA A 229 -1.67 -44.84 -3.42
N SER A 230 -2.62 -44.18 -4.06
CA SER A 230 -3.88 -43.92 -3.40
C SER A 230 -5.00 -43.82 -4.42
N CYS A 231 -6.14 -44.43 -4.13
CA CYS A 231 -7.26 -44.37 -5.06
C CYS A 231 -7.73 -42.92 -5.25
N LEU A 232 -8.21 -42.62 -6.45
CA LEU A 232 -8.64 -41.27 -6.78
C LEU A 232 -9.95 -40.88 -6.11
N ILE A 233 -10.66 -41.87 -5.60
CA ILE A 233 -11.99 -41.64 -5.05
C ILE A 233 -12.09 -41.86 -3.55
N CYS A 234 -11.74 -43.04 -3.09
CA CYS A 234 -11.90 -43.38 -1.69
C CYS A 234 -10.66 -43.12 -0.84
N LYS A 235 -9.58 -42.67 -1.49
CA LYS A 235 -8.31 -42.38 -0.82
C LYS A 235 -7.66 -43.56 -0.10
N TYR A 236 -7.83 -44.76 -0.65
CA TYR A 236 -7.26 -45.97 -0.08
C TYR A 236 -5.76 -46.04 -0.37
N LYS A 237 -4.92 -45.94 0.67
CA LYS A 237 -3.46 -45.94 0.50
C LYS A 237 -2.87 -47.34 0.43
N VAL A 238 -1.84 -47.53 -0.41
CA VAL A 238 -1.08 -48.77 -0.43
C VAL A 238 0.40 -48.49 -0.67
N ASP A 239 1.27 -49.44 -0.34
CA ASP A 239 2.70 -49.29 -0.58
C ASP A 239 3.01 -49.34 -2.06
N CYS A 240 4.24 -48.98 -2.41
CA CYS A 240 4.67 -49.00 -3.81
C CYS A 240 4.76 -50.45 -4.29
N GLU A 241 5.04 -51.34 -3.35
CA GLU A 241 5.16 -52.76 -3.66
C GLU A 241 3.80 -53.40 -3.92
N ALA A 242 2.72 -52.73 -3.52
CA ALA A 242 1.38 -53.26 -3.79
C ALA A 242 0.98 -53.07 -5.25
N VAL A 243 1.50 -52.01 -5.86
CA VAL A 243 1.13 -51.59 -7.20
C VAL A 243 2.18 -51.94 -8.25
N ARG A 244 3.41 -52.17 -7.78
CA ARG A 244 4.55 -52.51 -8.63
C ARG A 244 4.25 -53.58 -9.67
N GLY A 245 3.45 -54.57 -9.29
CA GLY A 245 3.07 -55.65 -10.17
C GLY A 245 2.33 -55.16 -11.39
N ASP A 246 1.19 -54.49 -11.17
CA ASP A 246 0.39 -53.92 -12.26
C ASP A 246 1.22 -52.96 -13.10
N ILE A 247 2.05 -52.16 -12.43
CA ILE A 247 2.81 -51.14 -13.14
C ILE A 247 3.81 -51.77 -14.11
N PHE A 248 4.50 -52.82 -13.67
CA PHE A 248 5.54 -53.42 -14.50
C PHE A 248 4.96 -54.29 -15.60
N ASN A 249 3.68 -54.61 -15.49
CA ASN A 249 3.01 -55.31 -16.57
C ASN A 249 2.28 -54.31 -17.45
N GLN A 250 2.41 -53.04 -17.09
CA GLN A 250 1.73 -51.93 -17.76
C GLN A 250 0.21 -52.13 -17.74
N VAL A 251 -0.33 -52.30 -16.54
CA VAL A 251 -1.77 -52.32 -16.34
C VAL A 251 -2.13 -51.22 -15.37
N VAL A 252 -3.15 -50.44 -15.69
CA VAL A 252 -3.58 -49.38 -14.78
C VAL A 252 -4.13 -50.02 -13.51
N PRO A 253 -3.39 -49.86 -12.39
CA PRO A 253 -3.74 -50.46 -11.11
C PRO A 253 -5.04 -49.93 -10.53
N ARG A 254 -6.00 -50.81 -10.30
CA ARG A 254 -7.30 -50.39 -9.81
C ARG A 254 -7.45 -50.52 -8.30
N CYS A 255 -8.46 -49.82 -7.79
CA CYS A 255 -8.79 -49.84 -6.37
C CYS A 255 -9.51 -51.12 -5.96
N PRO A 256 -9.15 -51.67 -4.78
CA PRO A 256 -9.76 -52.86 -4.17
C PRO A 256 -11.20 -52.64 -3.68
N ARG A 257 -11.45 -51.53 -2.99
CA ARG A 257 -12.75 -51.27 -2.36
C ARG A 257 -13.79 -50.83 -3.36
N CYS A 258 -13.41 -49.87 -4.20
CA CYS A 258 -14.35 -49.29 -5.15
C CYS A 258 -14.98 -50.33 -6.05
N PRO A 259 -16.27 -50.14 -6.35
CA PRO A 259 -17.01 -51.03 -7.25
C PRO A 259 -16.38 -50.98 -8.62
N ALA A 260 -16.33 -52.12 -9.30
CA ALA A 260 -15.68 -52.21 -10.60
C ALA A 260 -16.28 -51.30 -11.65
N ASP A 261 -17.58 -51.03 -11.54
CA ASP A 261 -18.29 -50.21 -12.52
C ASP A 261 -17.71 -48.79 -12.58
N GLU A 262 -17.15 -48.33 -11.48
CA GLU A 262 -16.54 -47.01 -11.38
C GLU A 262 -15.12 -46.96 -11.98
N PRO A 263 -14.93 -46.20 -13.07
CA PRO A 263 -13.71 -46.15 -13.88
C PRO A 263 -12.58 -45.32 -13.28
N LEU A 264 -12.89 -44.28 -12.53
CA LEU A 264 -11.84 -43.41 -11.98
C LEU A 264 -11.25 -43.96 -10.70
N ALA A 265 -11.62 -45.21 -10.37
CA ALA A 265 -11.09 -45.89 -9.20
C ALA A 265 -9.70 -46.42 -9.53
N ILE A 266 -8.74 -45.51 -9.57
CA ILE A 266 -7.38 -45.84 -9.95
C ILE A 266 -6.40 -45.57 -8.83
N MET A 267 -5.42 -46.46 -8.67
CA MET A 267 -4.40 -46.25 -7.65
C MET A 267 -3.33 -45.29 -8.17
N LYS A 268 -3.50 -44.01 -7.89
CA LYS A 268 -2.57 -43.00 -8.36
C LYS A 268 -1.46 -42.76 -7.34
N PRO A 269 -0.20 -42.98 -7.75
CA PRO A 269 0.96 -42.76 -6.91
C PRO A 269 0.93 -41.37 -6.31
N GLU A 270 1.35 -41.23 -5.06
CA GLU A 270 1.23 -39.94 -4.38
C GLU A 270 2.36 -38.98 -4.69
N ILE A 271 2.50 -38.65 -5.97
CA ILE A 271 3.34 -37.56 -6.38
C ILE A 271 2.43 -36.38 -6.69
N VAL A 272 2.87 -35.17 -6.34
CA VAL A 272 2.04 -34.00 -6.58
C VAL A 272 1.97 -33.66 -8.05
N PHE A 273 0.84 -33.97 -8.68
CA PHE A 273 0.60 -33.63 -10.07
C PHE A 273 0.42 -32.12 -10.22
N PHE A 274 0.53 -31.64 -11.45
CA PHE A 274 0.30 -30.23 -11.72
C PHE A 274 -1.16 -29.88 -11.44
N GLY A 275 -1.39 -28.88 -10.61
CA GLY A 275 -2.75 -28.47 -10.32
C GLY A 275 -3.21 -29.06 -9.00
N GLU A 276 -2.32 -29.79 -8.34
CA GLU A 276 -2.63 -30.37 -7.04
C GLU A 276 -1.95 -29.61 -5.90
N ASN A 277 -2.53 -29.64 -4.71
CA ASN A 277 -1.87 -29.04 -3.56
C ASN A 277 -0.63 -29.84 -3.17
N LEU A 278 0.38 -29.17 -2.65
CA LEU A 278 1.55 -29.85 -2.08
C LEU A 278 1.17 -30.41 -0.70
N PRO A 279 1.88 -31.46 -0.23
CA PRO A 279 1.58 -32.05 1.09
C PRO A 279 1.72 -31.07 2.24
N GLU A 280 0.83 -31.16 3.23
CA GLU A 280 0.80 -30.19 4.32
C GLU A 280 2.05 -30.29 5.17
N GLN A 281 2.71 -31.43 5.12
CA GLN A 281 3.96 -31.63 5.84
C GLN A 281 5.01 -30.66 5.29
N PHE A 282 4.92 -30.38 4.00
CA PHE A 282 5.81 -29.44 3.35
C PHE A 282 5.61 -28.02 3.87
N HIS A 283 4.37 -27.55 3.85
CA HIS A 283 4.06 -26.19 4.29
C HIS A 283 4.41 -26.01 5.77
N ARG A 284 4.15 -27.05 6.55
CA ARG A 284 4.52 -27.05 7.96
C ARG A 284 6.02 -26.87 8.12
N ALA A 285 6.77 -27.75 7.45
CA ALA A 285 8.22 -27.72 7.49
C ALA A 285 8.78 -26.36 7.07
N MET A 286 8.20 -25.76 6.04
CA MET A 286 8.66 -24.45 5.58
C MET A 286 8.38 -23.37 6.62
N LYS A 287 7.20 -23.41 7.23
CA LYS A 287 6.86 -22.39 8.23
C LYS A 287 7.81 -22.49 9.42
N TYR A 288 8.23 -23.70 9.75
CA TYR A 288 9.19 -23.87 10.83
C TYR A 288 10.59 -23.41 10.43
N ASP A 289 11.13 -24.05 9.39
CA ASP A 289 12.51 -23.85 8.96
C ASP A 289 12.78 -22.46 8.45
N LYS A 290 11.69 -21.72 8.19
CA LYS A 290 11.73 -20.35 7.70
C LYS A 290 12.65 -19.46 8.55
N ASP A 291 12.59 -19.61 9.87
CA ASP A 291 13.31 -18.69 10.77
C ASP A 291 14.45 -19.37 11.54
N GLU A 292 14.91 -20.51 11.04
CA GLU A 292 15.95 -21.27 11.72
C GLU A 292 17.18 -21.44 10.86
N VAL A 293 16.97 -21.57 9.55
CA VAL A 293 18.06 -21.82 8.62
C VAL A 293 19.13 -20.72 8.63
N ASP A 294 20.39 -21.13 8.61
CA ASP A 294 21.49 -20.18 8.56
C ASP A 294 22.29 -20.29 7.26
N LEU A 295 21.84 -21.18 6.38
CA LEU A 295 22.47 -21.35 5.07
C LEU A 295 21.53 -22.08 4.14
N LEU A 296 21.26 -21.47 2.98
CA LEU A 296 20.44 -22.12 1.98
C LEU A 296 21.32 -22.55 0.83
N ILE A 297 21.11 -23.78 0.37
CA ILE A 297 21.86 -24.29 -0.76
C ILE A 297 20.92 -24.95 -1.77
N VAL A 298 20.88 -24.39 -2.98
CA VAL A 298 20.07 -24.96 -4.04
C VAL A 298 20.98 -25.83 -4.86
N ILE A 299 20.60 -27.10 -5.04
CA ILE A 299 21.45 -28.01 -5.81
C ILE A 299 20.64 -28.72 -6.90
N GLY A 300 21.06 -28.52 -8.14
CA GLY A 300 20.50 -29.27 -9.24
C GLY A 300 19.04 -28.97 -9.54
N SER A 301 18.65 -27.72 -9.35
CA SER A 301 17.30 -27.29 -9.69
C SER A 301 17.32 -25.87 -10.20
N SER A 302 16.63 -25.64 -11.31
CA SER A 302 16.60 -24.34 -11.93
C SER A 302 15.39 -23.53 -11.45
N LEU A 303 14.59 -24.16 -10.59
CA LEU A 303 13.50 -23.48 -9.89
C LEU A 303 12.46 -22.81 -10.81
N LYS A 304 11.86 -23.60 -11.69
CA LYS A 304 10.88 -23.08 -12.63
C LYS A 304 9.44 -23.28 -12.13
N VAL A 305 9.22 -24.30 -11.31
CA VAL A 305 7.87 -24.60 -10.84
C VAL A 305 7.56 -24.01 -9.46
N ARG A 306 6.44 -23.32 -9.36
CA ARG A 306 5.96 -22.77 -8.08
C ARG A 306 5.02 -23.76 -7.40
N PRO A 307 4.90 -23.67 -6.06
CA PRO A 307 5.48 -22.68 -5.15
C PRO A 307 6.87 -22.98 -4.63
N VAL A 308 7.46 -24.09 -5.05
CA VAL A 308 8.76 -24.47 -4.51
C VAL A 308 9.80 -23.41 -4.89
N ALA A 309 9.69 -22.92 -6.12
CA ALA A 309 10.61 -21.92 -6.66
C ALA A 309 10.60 -20.64 -5.83
N LEU A 310 9.57 -20.48 -5.01
CA LEU A 310 9.42 -19.30 -4.18
C LEU A 310 10.28 -19.36 -2.92
N ILE A 311 10.72 -20.55 -2.53
CA ILE A 311 11.41 -20.74 -1.25
C ILE A 311 12.62 -19.81 -1.03
N PRO A 312 13.52 -19.67 -2.03
CA PRO A 312 14.67 -18.78 -1.78
C PRO A 312 14.26 -17.35 -1.43
N SER A 313 13.11 -16.91 -1.94
CA SER A 313 12.65 -15.55 -1.67
C SER A 313 11.89 -15.47 -0.36
N SER A 314 11.64 -16.62 0.26
CA SER A 314 10.76 -16.71 1.41
C SER A 314 11.50 -16.71 2.76
N ILE A 315 12.79 -17.01 2.74
CA ILE A 315 13.60 -16.98 3.96
C ILE A 315 14.22 -15.59 4.15
N PRO A 316 14.67 -15.28 5.38
CA PRO A 316 15.33 -13.99 5.67
C PRO A 316 16.49 -13.70 4.73
N HIS A 317 16.49 -12.50 4.16
CA HIS A 317 17.44 -12.19 3.10
C HIS A 317 18.92 -12.19 3.53
N GLU A 318 19.19 -11.99 4.82
CA GLU A 318 20.58 -11.96 5.28
C GLU A 318 21.22 -13.36 5.27
N VAL A 319 20.39 -14.40 5.27
CA VAL A 319 20.94 -15.76 5.19
C VAL A 319 21.61 -15.96 3.85
N PRO A 320 22.90 -16.34 3.86
CA PRO A 320 23.63 -16.57 2.61
C PRO A 320 23.06 -17.73 1.79
N GLN A 321 23.06 -17.56 0.47
CA GLN A 321 22.50 -18.57 -0.42
C GLN A 321 23.56 -19.00 -1.42
N ILE A 322 23.63 -20.30 -1.67
CA ILE A 322 24.62 -20.84 -2.58
C ILE A 322 23.95 -21.65 -3.66
N LEU A 323 24.36 -21.43 -4.91
CA LEU A 323 23.79 -22.18 -6.02
C LEU A 323 24.78 -23.19 -6.59
N ILE A 324 24.28 -24.40 -6.80
CA ILE A 324 25.01 -25.47 -7.47
C ILE A 324 24.09 -26.05 -8.53
N ASN A 325 24.21 -25.54 -9.75
CA ASN A 325 23.37 -25.98 -10.86
C ASN A 325 24.15 -26.02 -12.17
N ARG A 326 23.54 -26.59 -13.21
CA ARG A 326 24.20 -26.64 -14.52
C ARG A 326 24.14 -25.27 -15.18
N GLU A 327 23.15 -24.48 -14.80
CA GLU A 327 22.91 -23.16 -15.37
C GLU A 327 22.59 -22.14 -14.29
N PRO A 328 22.92 -20.87 -14.53
CA PRO A 328 22.58 -19.83 -13.56
C PRO A 328 21.07 -19.63 -13.52
N LEU A 329 20.56 -18.99 -12.48
CA LEU A 329 19.14 -18.69 -12.43
C LEU A 329 18.97 -17.20 -12.64
N PRO A 330 18.27 -16.83 -13.72
CA PRO A 330 18.11 -15.43 -14.13
C PRO A 330 17.21 -14.69 -13.15
N HIS A 331 16.16 -15.39 -12.73
CA HIS A 331 15.17 -14.83 -11.84
C HIS A 331 15.59 -14.87 -10.37
N LEU A 332 16.84 -15.20 -10.09
CA LEU A 332 17.29 -15.31 -8.70
C LEU A 332 18.74 -14.89 -8.48
N HIS A 333 19.00 -14.23 -7.35
CA HIS A 333 20.36 -13.76 -7.05
C HIS A 333 21.01 -14.51 -5.90
N PHE A 334 21.94 -15.41 -6.24
CA PHE A 334 22.69 -16.14 -5.23
C PHE A 334 24.04 -15.46 -4.95
N ASP A 335 24.56 -15.68 -3.75
CA ASP A 335 25.83 -15.10 -3.35
C ASP A 335 27.01 -15.75 -4.06
N VAL A 336 26.97 -17.07 -4.18
CA VAL A 336 28.03 -17.80 -4.84
C VAL A 336 27.40 -18.75 -5.84
N GLU A 337 27.87 -18.68 -7.08
CA GLU A 337 27.31 -19.56 -8.11
C GLU A 337 28.34 -20.53 -8.65
N LEU A 338 28.10 -21.79 -8.37
CA LEU A 338 28.89 -22.87 -8.92
C LEU A 338 28.09 -23.51 -10.06
N LEU A 339 28.55 -23.30 -11.28
CA LEU A 339 27.83 -23.75 -12.46
C LEU A 339 28.54 -24.92 -13.11
N GLY A 340 27.87 -26.07 -13.16
CA GLY A 340 28.43 -27.25 -13.79
C GLY A 340 27.63 -28.49 -13.45
N ASP A 341 28.19 -29.66 -13.72
CA ASP A 341 27.58 -30.88 -13.24
C ASP A 341 27.61 -30.90 -11.72
N CYS A 342 26.53 -31.39 -11.12
CA CYS A 342 26.39 -31.33 -9.67
C CYS A 342 27.41 -32.19 -8.95
N ASP A 343 27.55 -33.45 -9.38
CA ASP A 343 28.46 -34.39 -8.74
C ASP A 343 29.92 -33.90 -8.79
N VAL A 344 30.30 -33.26 -9.89
CA VAL A 344 31.64 -32.69 -10.00
C VAL A 344 31.88 -31.64 -8.92
N ILE A 345 30.98 -30.67 -8.85
CA ILE A 345 31.08 -29.56 -7.92
C ILE A 345 31.06 -30.06 -6.48
N ILE A 346 30.18 -31.03 -6.22
CA ILE A 346 30.07 -31.62 -4.89
C ILE A 346 31.39 -32.31 -4.53
N ASN A 347 31.95 -33.05 -5.47
CA ASN A 347 33.24 -33.70 -5.28
C ASN A 347 34.30 -32.68 -4.86
N GLU A 348 34.36 -31.58 -5.61
CA GLU A 348 35.30 -30.49 -5.31
C GLU A 348 35.13 -29.99 -3.88
N LEU A 349 33.88 -29.78 -3.50
CA LEU A 349 33.58 -29.28 -2.17
C LEU A 349 33.98 -30.30 -1.11
N CYS A 350 33.77 -31.58 -1.38
CA CYS A 350 34.22 -32.66 -0.49
C CYS A 350 35.71 -32.56 -0.24
N HIS A 351 36.48 -32.51 -1.33
CA HIS A 351 37.92 -32.39 -1.23
C HIS A 351 38.34 -31.16 -0.42
N ARG A 352 37.56 -30.10 -0.50
CA ARG A 352 37.92 -28.92 0.28
C ARG A 352 37.48 -29.05 1.74
N LEU A 353 36.50 -29.92 1.98
CA LEU A 353 35.94 -30.09 3.31
C LEU A 353 36.71 -31.06 4.19
N GLY A 354 37.38 -32.03 3.58
CA GLY A 354 38.11 -33.02 4.34
C GLY A 354 37.17 -33.93 5.11
N GLY A 355 37.73 -34.73 6.01
CA GLY A 355 36.95 -35.61 6.85
C GLY A 355 36.17 -36.64 6.07
N GLU A 356 35.02 -37.04 6.59
CA GLU A 356 34.20 -38.07 5.95
C GLU A 356 33.73 -37.64 4.57
N TYR A 357 33.62 -36.34 4.36
CA TYR A 357 33.27 -35.77 3.06
C TYR A 357 34.23 -36.24 1.95
N ALA A 358 35.54 -36.11 2.18
CA ALA A 358 36.52 -36.55 1.18
C ALA A 358 36.42 -38.06 0.89
N LYS A 359 36.08 -38.81 1.93
CA LYS A 359 35.92 -40.26 1.91
C LYS A 359 34.68 -40.76 1.15
N LEU A 360 33.89 -39.83 0.59
CA LEU A 360 32.49 -40.10 0.24
C LEU A 360 32.03 -40.87 -1.00
N SER A 361 32.88 -41.46 -1.82
CA SER A 361 32.27 -42.08 -3.00
C SER A 361 32.58 -43.56 -3.19
N SER A 362 31.68 -44.21 -3.93
CA SER A 362 31.78 -45.63 -4.22
C SER A 362 31.68 -45.84 -5.73
N ASN A 363 31.35 -44.75 -6.43
CA ASN A 363 31.41 -44.71 -7.89
C ASN A 363 32.28 -43.56 -8.42
N PRO A 364 33.58 -43.53 -8.03
CA PRO A 364 34.47 -42.50 -8.59
C PRO A 364 35.27 -43.04 -9.76
N VAL A 365 34.76 -44.11 -10.36
CA VAL A 365 35.35 -44.67 -11.57
C VAL A 365 34.92 -43.82 -12.76
N LYS A 366 33.96 -42.92 -12.51
CA LYS A 366 33.44 -42.04 -13.54
C LYS A 366 33.79 -40.58 -13.25
N LEU A 367 34.28 -40.30 -12.04
CA LEU A 367 34.75 -38.97 -11.69
C LEU A 367 36.26 -38.83 -11.94
N SER A 368 36.89 -39.91 -12.38
CA SER A 368 38.34 -39.90 -12.62
C SER A 368 38.67 -39.61 -14.07
N GLU A 369 37.63 -39.55 -14.91
CA GLU A 369 37.79 -39.15 -16.30
C GLU A 369 37.00 -37.88 -16.60
N ILE A 370 36.62 -37.19 -15.53
CA ILE A 370 35.95 -35.89 -15.62
C ILE A 370 36.80 -34.83 -14.92
N THR A 371 37.11 -33.76 -15.66
CA THR A 371 37.97 -32.68 -15.16
C THR A 371 37.65 -32.25 -13.74
N GLU A 372 38.72 -32.05 -12.98
CA GLU A 372 38.63 -31.66 -11.58
C GLU A 372 38.63 -30.14 -11.56
N GLN A 373 39.03 -29.56 -12.67
CA GLN A 373 39.32 -28.13 -12.74
C GLN A 373 38.14 -27.26 -13.15
N TYR A 374 38.18 -26.03 -12.67
CA TYR A 374 37.13 -25.06 -12.89
C TYR A 374 37.75 -23.72 -13.26
N LEU A 375 36.91 -22.79 -13.68
CA LEU A 375 37.38 -21.46 -14.03
C LEU A 375 36.60 -20.39 -13.29
N PHE A 376 37.29 -19.56 -12.51
CA PHE A 376 36.65 -18.54 -11.68
C PHE A 376 36.39 -17.26 -12.45
N LEU A 377 35.12 -16.87 -12.53
CA LEU A 377 34.72 -15.62 -13.16
C LEU A 377 34.16 -14.65 -12.13
N PRO A 378 35.04 -13.81 -11.55
CA PRO A 378 34.73 -12.83 -10.51
C PRO A 378 33.44 -12.03 -10.75
N PRO A 379 32.74 -11.71 -9.66
CA PRO A 379 33.19 -12.05 -8.31
C PRO A 379 32.58 -13.36 -7.82
N ASN A 380 31.55 -13.82 -8.52
CA ASN A 380 30.67 -14.89 -8.05
C ASN A 380 30.79 -16.24 -8.71
N ARG A 381 31.09 -16.22 -10.01
CA ARG A 381 30.87 -17.37 -10.86
C ARG A 381 32.04 -18.35 -10.90
N TYR A 382 31.73 -19.63 -10.89
CA TYR A 382 32.74 -20.66 -11.13
C TYR A 382 32.18 -21.62 -12.17
N ILE A 383 32.96 -21.86 -13.22
CA ILE A 383 32.46 -22.76 -14.26
C ILE A 383 33.18 -24.09 -14.18
N PHE A 384 32.39 -25.14 -14.00
CA PHE A 384 32.90 -26.50 -13.91
C PHE A 384 32.52 -27.29 -15.14
N HIS A 385 32.98 -28.53 -15.20
CA HIS A 385 32.62 -29.43 -16.28
C HIS A 385 31.13 -29.64 -16.23
N GLY A 386 30.53 -29.91 -17.37
CA GLY A 386 29.10 -30.20 -17.43
C GLY A 386 28.22 -28.96 -17.28
N ALA A 387 28.85 -27.80 -17.16
CA ALA A 387 28.10 -26.55 -17.15
C ALA A 387 27.58 -26.31 -18.54
N GLU A 388 26.49 -25.55 -18.63
CA GLU A 388 26.01 -25.09 -19.92
C GLU A 388 25.30 -23.78 -19.71
N VAL A 389 25.91 -22.71 -20.22
CA VAL A 389 25.28 -21.41 -20.21
C VAL A 389 24.96 -21.08 -21.68
N TYR A 390 24.58 -22.12 -22.43
CA TYR A 390 24.13 -22.01 -23.80
C TYR A 390 22.71 -21.46 -23.90
N SER B 2 -20.52 8.88 -1.24
CA SER B 2 -21.92 9.17 -1.49
C SER B 2 -22.86 8.14 -0.84
N ARG B 3 -24.16 8.37 -0.97
CA ARG B 3 -25.16 7.44 -0.47
C ARG B 3 -25.23 6.23 -1.39
N ASP B 4 -24.70 6.38 -2.59
CA ASP B 4 -24.80 5.34 -3.60
C ASP B 4 -23.57 4.43 -3.59
N ASN B 5 -22.40 4.97 -3.22
CA ASN B 5 -21.18 4.18 -3.19
C ASN B 5 -20.67 3.94 -1.76
N LEU B 6 -19.59 3.19 -1.64
CA LEU B 6 -19.01 2.88 -0.34
C LEU B 6 -18.44 4.10 0.35
N LEU B 7 -18.26 5.19 -0.39
CA LEU B 7 -17.57 6.35 0.18
C LEU B 7 -18.49 7.22 1.00
N PHE B 8 -17.93 7.76 2.08
CA PHE B 8 -18.67 8.57 3.02
C PHE B 8 -18.19 10.01 2.98
N GLY B 9 -17.05 10.23 2.34
CA GLY B 9 -16.51 11.58 2.19
C GLY B 9 -15.47 11.95 3.23
N ASP B 10 -15.30 11.09 4.23
CA ASP B 10 -14.37 11.40 5.31
C ASP B 10 -13.03 10.67 5.15
N GLU B 11 -12.92 9.86 4.10
CA GLU B 11 -11.72 9.07 3.85
C GLU B 11 -10.51 9.92 3.48
N ILE B 12 -9.32 9.40 3.80
CA ILE B 12 -8.07 10.05 3.44
C ILE B 12 -7.35 9.27 2.35
N ILE B 13 -6.95 9.94 1.27
CA ILE B 13 -6.40 9.25 0.11
C ILE B 13 -4.87 9.28 0.06
N THR B 14 -4.24 8.16 0.40
CA THR B 14 -2.79 8.04 0.33
C THR B 14 -2.37 7.19 -0.86
N ASN B 15 -1.15 7.38 -1.32
CA ASN B 15 -0.61 6.56 -2.40
C ASN B 15 0.51 5.71 -1.84
N GLY B 16 0.35 5.36 -0.56
CA GLY B 16 1.32 4.53 0.15
C GLY B 16 0.75 3.94 1.42
N SER B 34 -13.67 16.31 15.61
CA SER B 34 -12.48 15.81 16.29
C SER B 34 -12.33 14.30 16.12
N ASP B 35 -11.17 13.87 15.61
CA ASP B 35 -10.95 12.47 15.25
C ASP B 35 -10.07 11.72 16.26
N TRP B 36 -10.69 10.82 17.02
CA TRP B 36 -9.96 10.06 18.04
C TRP B 36 -9.57 8.66 17.57
N THR B 37 -10.35 8.08 16.67
CA THR B 37 -9.96 6.86 15.97
C THR B 37 -9.67 7.19 14.52
N PRO B 38 -8.67 6.51 13.92
CA PRO B 38 -8.25 6.82 12.55
C PRO B 38 -9.38 6.70 11.54
N ARG B 39 -9.49 7.68 10.65
CA ARG B 39 -10.42 7.59 9.52
C ARG B 39 -9.84 6.61 8.52
N PRO B 40 -10.69 5.97 7.72
CA PRO B 40 -10.17 5.02 6.74
C PRO B 40 -9.24 5.70 5.72
N ARG B 41 -8.16 5.01 5.36
CA ARG B 41 -7.27 5.45 4.28
C ARG B 41 -7.52 4.58 3.04
N ILE B 42 -7.59 5.21 1.87
CA ILE B 42 -7.78 4.45 0.63
C ILE B 42 -6.85 4.90 -0.49
N GLY B 43 -6.56 3.99 -1.42
CA GLY B 43 -5.78 4.33 -2.58
C GLY B 43 -6.58 5.12 -3.58
N PRO B 44 -5.90 5.94 -4.39
CA PRO B 44 -6.57 6.75 -5.41
C PRO B 44 -7.32 5.89 -6.42
N TYR B 45 -6.82 4.70 -6.72
CA TYR B 45 -7.53 3.82 -7.65
C TYR B 45 -8.85 3.28 -7.07
N THR B 46 -8.87 2.88 -5.81
CA THR B 46 -10.11 2.42 -5.20
C THR B 46 -11.10 3.57 -5.14
N PHE B 47 -10.61 4.74 -4.73
CA PHE B 47 -11.40 5.97 -4.68
C PHE B 47 -12.07 6.28 -6.03
N VAL B 48 -11.28 6.40 -7.07
CA VAL B 48 -11.83 6.69 -8.39
C VAL B 48 -12.73 5.55 -8.88
N GLN B 49 -12.41 4.31 -8.53
CA GLN B 49 -13.29 3.18 -8.87
C GLN B 49 -14.68 3.42 -8.32
N GLN B 50 -14.71 3.74 -7.02
CA GLN B 50 -15.95 4.03 -6.32
C GLN B 50 -16.71 5.13 -7.04
N HIS B 51 -16.05 6.26 -7.29
CA HIS B 51 -16.71 7.37 -7.96
C HIS B 51 -17.13 7.08 -9.40
N LEU B 52 -16.48 6.09 -10.02
CA LEU B 52 -16.86 5.64 -11.35
C LEU B 52 -18.19 4.91 -11.29
N MET B 53 -18.32 4.03 -10.30
CA MET B 53 -19.53 3.21 -10.17
C MET B 53 -20.83 4.03 -10.04
N ILE B 54 -20.78 5.19 -9.40
CA ILE B 54 -21.91 6.11 -9.42
C ILE B 54 -21.97 6.88 -10.74
N GLY B 55 -20.84 6.94 -11.45
CA GLY B 55 -20.74 7.74 -12.65
C GLY B 55 -20.69 9.23 -12.34
N THR B 56 -19.90 9.59 -11.33
CA THR B 56 -19.76 10.98 -10.93
C THR B 56 -18.88 11.73 -11.91
N ASP B 57 -19.15 13.01 -12.08
CA ASP B 57 -18.44 13.81 -13.07
C ASP B 57 -17.05 14.15 -12.59
N PRO B 58 -16.02 13.69 -13.34
CA PRO B 58 -14.63 13.91 -12.94
C PRO B 58 -14.34 15.39 -12.75
N ARG B 59 -14.99 16.23 -13.55
CA ARG B 59 -14.82 17.68 -13.47
C ARG B 59 -15.08 18.20 -12.07
N THR B 60 -15.99 17.54 -11.36
CA THR B 60 -16.31 17.92 -9.99
C THR B 60 -15.11 17.75 -9.08
N ILE B 61 -14.63 16.51 -9.00
CA ILE B 61 -13.49 16.16 -8.15
C ILE B 61 -12.27 16.99 -8.53
N LEU B 62 -12.13 17.22 -9.82
CA LEU B 62 -11.06 18.03 -10.36
C LEU B 62 -11.19 19.48 -9.85
N LYS B 63 -12.42 19.96 -9.75
CA LYS B 63 -12.67 21.31 -9.25
C LYS B 63 -12.49 21.35 -7.73
N ASP B 64 -12.58 20.19 -7.09
CA ASP B 64 -12.37 20.12 -5.66
C ASP B 64 -10.87 20.13 -5.37
N LEU B 65 -10.10 19.56 -6.30
CA LEU B 65 -8.64 19.50 -6.16
C LEU B 65 -7.93 20.76 -6.65
N LEU B 66 -8.35 21.25 -7.80
CA LEU B 66 -7.79 22.48 -8.34
C LEU B 66 -8.94 23.41 -8.60
N PRO B 67 -9.35 24.15 -7.56
CA PRO B 67 -10.53 25.01 -7.65
C PRO B 67 -10.35 26.21 -8.57
N GLU B 68 -9.11 26.67 -8.71
CA GLU B 68 -8.85 27.91 -9.44
C GLU B 68 -8.77 27.73 -10.96
N THR B 69 -9.04 26.52 -11.43
CA THR B 69 -8.91 26.24 -12.87
C THR B 69 -9.95 25.26 -13.39
N ILE B 70 -10.41 25.52 -14.61
CA ILE B 70 -11.34 24.64 -15.31
C ILE B 70 -10.58 23.80 -16.32
N PRO B 71 -10.84 22.49 -16.32
CA PRO B 71 -10.33 21.61 -17.38
C PRO B 71 -10.90 22.00 -18.73
N PRO B 72 -10.04 22.12 -19.76
CA PRO B 72 -10.47 22.32 -21.15
C PRO B 72 -11.52 21.30 -21.58
N PRO B 73 -12.51 21.75 -22.35
CA PRO B 73 -13.69 20.92 -22.62
C PRO B 73 -13.40 19.70 -23.50
N GLU B 74 -12.26 19.70 -24.17
CA GLU B 74 -11.92 18.64 -25.12
C GLU B 74 -11.29 17.41 -24.45
N LEU B 75 -11.44 17.30 -23.13
CA LEU B 75 -10.87 16.18 -22.40
C LEU B 75 -11.89 15.08 -22.11
N ASP B 76 -11.60 13.88 -22.61
CA ASP B 76 -12.40 12.70 -22.29
C ASP B 76 -12.50 12.56 -20.79
N ASP B 77 -13.59 12.01 -20.30
CA ASP B 77 -13.73 11.78 -18.87
C ASP B 77 -12.60 10.90 -18.35
N MET B 78 -12.24 9.89 -19.13
CA MET B 78 -11.20 8.95 -18.72
C MET B 78 -9.87 9.67 -18.56
N THR B 79 -9.60 10.60 -19.47
CA THR B 79 -8.43 11.45 -19.34
C THR B 79 -8.47 12.24 -18.03
N LEU B 80 -9.59 12.88 -17.77
CA LEU B 80 -9.79 13.67 -16.57
C LEU B 80 -9.53 12.85 -15.32
N TRP B 81 -10.02 11.61 -15.33
CA TRP B 81 -9.80 10.69 -14.23
C TRP B 81 -8.32 10.37 -14.07
N GLN B 82 -7.64 10.20 -15.20
CA GLN B 82 -6.22 9.97 -15.16
C GLN B 82 -5.50 11.15 -14.49
N ILE B 83 -5.92 12.36 -14.80
CA ILE B 83 -5.38 13.56 -14.15
C ILE B 83 -5.69 13.57 -12.67
N VAL B 84 -6.87 13.08 -12.32
CA VAL B 84 -7.24 13.00 -10.92
C VAL B 84 -6.27 12.05 -10.21
N ILE B 85 -6.01 10.91 -10.82
CA ILE B 85 -5.10 9.94 -10.22
C ILE B 85 -3.70 10.51 -10.12
N ASN B 86 -3.26 11.25 -11.14
CA ASN B 86 -1.99 11.97 -11.08
C ASN B 86 -1.88 12.85 -9.85
N ILE B 87 -2.82 13.81 -9.73
CA ILE B 87 -2.84 14.74 -8.62
C ILE B 87 -2.87 14.02 -7.27
N LEU B 88 -3.73 13.01 -7.18
CA LEU B 88 -3.87 12.25 -5.94
C LEU B 88 -2.60 11.48 -5.61
N SER B 89 -1.82 11.16 -6.63
CA SER B 89 -0.61 10.35 -6.44
C SER B 89 0.64 11.18 -6.20
N GLU B 90 0.53 12.50 -6.35
CA GLU B 90 1.68 13.38 -6.20
C GLU B 90 2.27 13.29 -4.80
N PRO B 91 3.59 13.53 -4.69
CA PRO B 91 4.31 13.38 -3.42
C PRO B 91 3.88 14.37 -2.36
N PRO B 92 4.20 14.08 -1.10
CA PRO B 92 3.92 14.98 0.03
C PRO B 92 4.76 16.25 -0.07
N LYS B 93 4.16 17.40 0.23
CA LYS B 93 4.87 18.67 0.17
C LYS B 93 5.96 18.77 1.23
N ARG B 94 6.96 19.56 0.94
CA ARG B 94 8.13 19.65 1.79
C ARG B 94 7.88 20.53 3.01
N LYS B 95 8.23 20.02 4.19
CA LYS B 95 8.18 20.83 5.40
C LYS B 95 9.43 21.73 5.44
N LYS B 96 9.21 23.03 5.62
CA LYS B 96 10.29 24.01 5.65
C LYS B 96 11.36 23.67 6.68
N ARG B 97 12.62 23.77 6.28
CA ARG B 97 13.71 23.46 7.19
C ARG B 97 14.00 24.63 8.15
N LYS B 98 13.86 24.36 9.45
CA LYS B 98 13.94 25.43 10.44
C LYS B 98 15.36 25.94 10.71
N ASP B 99 16.36 25.28 10.12
CA ASP B 99 17.76 25.70 10.20
C ASP B 99 17.98 27.03 9.50
N ILE B 100 17.50 27.07 8.26
CA ILE B 100 17.74 28.17 7.34
C ILE B 100 16.56 29.13 7.43
N ASN B 101 16.86 30.41 7.69
CA ASN B 101 15.83 31.42 7.83
C ASN B 101 16.26 32.74 7.23
N THR B 102 17.52 33.10 7.47
CA THR B 102 18.02 34.45 7.20
C THR B 102 18.55 34.66 5.80
N ILE B 103 18.62 35.92 5.37
CA ILE B 103 19.22 36.23 4.06
C ILE B 103 20.72 35.99 4.14
N GLU B 104 21.26 36.13 5.34
CA GLU B 104 22.65 35.79 5.59
C GLU B 104 22.81 34.30 5.35
N ASP B 105 21.95 33.50 5.97
CA ASP B 105 21.93 32.06 5.74
C ASP B 105 21.89 31.73 4.25
N ALA B 106 21.07 32.47 3.52
CA ALA B 106 20.90 32.22 2.08
C ALA B 106 22.19 32.48 1.34
N VAL B 107 22.86 33.58 1.65
CA VAL B 107 24.13 33.90 1.00
C VAL B 107 25.20 32.86 1.36
N LYS B 108 25.17 32.41 2.61
CA LYS B 108 26.02 31.33 3.08
C LYS B 108 25.81 30.08 2.23
N LEU B 109 24.55 29.79 1.90
CA LEU B 109 24.23 28.66 1.04
C LEU B 109 24.75 28.88 -0.38
N LEU B 110 24.56 30.09 -0.90
CA LEU B 110 25.00 30.41 -2.25
C LEU B 110 26.51 30.35 -2.39
N GLN B 111 27.23 30.39 -1.27
CA GLN B 111 28.67 30.25 -1.30
C GLN B 111 29.15 28.82 -1.05
N GLU B 112 28.62 28.16 -0.02
CA GLU B 112 29.06 26.82 0.32
C GLU B 112 28.67 25.77 -0.73
N SER B 113 27.53 25.98 -1.40
CA SER B 113 26.94 24.95 -2.27
C SER B 113 27.71 24.74 -3.58
N LYS B 114 27.62 23.51 -4.10
CA LYS B 114 28.42 23.12 -5.26
C LYS B 114 27.62 22.55 -6.43
N LYS B 115 26.43 22.04 -6.14
CA LYS B 115 25.57 21.46 -7.17
C LYS B 115 24.15 22.03 -7.08
N ILE B 116 24.00 23.22 -7.65
CA ILE B 116 22.80 24.04 -7.49
C ILE B 116 21.79 23.87 -8.62
N ILE B 117 20.53 23.69 -8.26
CA ILE B 117 19.47 23.71 -9.25
C ILE B 117 18.75 25.06 -9.16
N VAL B 118 18.63 25.71 -10.30
CA VAL B 118 17.90 26.96 -10.37
C VAL B 118 16.69 26.73 -11.24
N LEU B 119 15.50 26.93 -10.67
CA LEU B 119 14.27 26.73 -11.41
C LEU B 119 13.70 28.11 -11.70
N THR B 120 13.64 28.47 -12.98
CA THR B 120 13.21 29.81 -13.35
C THR B 120 11.91 29.89 -14.14
N GLY B 121 11.33 31.08 -14.14
CA GLY B 121 10.11 31.38 -14.84
C GLY B 121 10.19 32.75 -15.49
N ALA B 122 9.03 33.32 -15.83
CA ALA B 122 9.00 34.55 -16.64
C ALA B 122 9.58 35.73 -15.88
N GLY B 123 9.74 35.58 -14.57
CA GLY B 123 10.24 36.64 -13.72
C GLY B 123 11.68 37.07 -13.95
N VAL B 124 12.45 36.25 -14.67
CA VAL B 124 13.83 36.59 -14.96
C VAL B 124 13.98 37.27 -16.29
N SER B 125 12.90 37.35 -17.08
CA SER B 125 13.00 37.98 -18.39
C SER B 125 12.11 39.21 -18.50
N VAL B 126 11.54 39.61 -17.37
CA VAL B 126 10.65 40.76 -17.32
C VAL B 126 11.43 42.03 -17.59
N SER B 127 12.56 42.19 -16.91
CA SER B 127 13.41 43.35 -17.09
C SER B 127 14.04 43.35 -18.48
N SER B 128 13.89 42.25 -19.19
CA SER B 128 14.44 42.11 -20.53
C SER B 128 13.48 42.61 -21.59
N GLY B 129 12.24 42.86 -21.19
CA GLY B 129 11.24 43.43 -22.08
C GLY B 129 10.31 42.44 -22.76
N ILE B 130 10.25 41.22 -22.24
CA ILE B 130 9.36 40.22 -22.82
C ILE B 130 7.94 40.32 -22.28
N PRO B 131 6.98 40.55 -23.18
CA PRO B 131 5.55 40.64 -22.88
C PRO B 131 5.03 39.42 -22.09
N ASP B 132 4.04 39.66 -21.24
CA ASP B 132 3.42 38.60 -20.42
C ASP B 132 2.38 37.78 -21.19
N PHE B 133 2.75 36.57 -21.58
CA PHE B 133 1.81 35.70 -22.29
C PHE B 133 1.07 34.82 -21.29
N ARG B 134 1.11 35.23 -20.02
CA ARG B 134 0.46 34.49 -18.95
C ARG B 134 -0.54 35.37 -18.19
N SER B 135 -0.39 36.68 -18.32
CA SER B 135 -1.33 37.63 -17.70
C SER B 135 -2.27 38.18 -18.75
N ARG B 136 -3.38 38.76 -18.32
CA ARG B 136 -4.41 39.24 -19.24
C ARG B 136 -4.14 40.66 -19.72
N ASP B 137 -3.06 41.25 -19.21
CA ASP B 137 -2.68 42.63 -19.54
C ASP B 137 -1.39 42.65 -20.34
N GLY B 138 -1.44 42.23 -21.59
CA GLY B 138 -0.27 42.22 -22.45
C GLY B 138 -0.58 42.03 -23.92
N ILE B 139 0.16 41.15 -24.58
CA ILE B 139 -0.10 40.85 -25.98
C ILE B 139 -1.52 40.29 -26.10
N TYR B 140 -1.93 39.57 -25.06
CA TYR B 140 -3.25 38.97 -25.07
C TYR B 140 -4.32 40.06 -25.12
N ALA B 141 -4.00 41.26 -24.64
CA ALA B 141 -4.97 42.35 -24.68
C ALA B 141 -5.41 42.64 -26.11
N ARG B 142 -4.46 43.01 -26.97
CA ARG B 142 -4.75 43.29 -28.39
C ARG B 142 -5.28 42.05 -29.10
N LEU B 143 -4.66 40.92 -28.80
CA LEU B 143 -5.00 39.67 -29.42
C LEU B 143 -6.44 39.25 -29.20
N ALA B 144 -6.96 39.48 -27.99
CA ALA B 144 -8.33 39.08 -27.69
C ALA B 144 -9.31 39.84 -28.56
N VAL B 145 -9.11 41.15 -28.67
CA VAL B 145 -9.93 41.99 -29.53
C VAL B 145 -9.89 41.50 -30.96
N ASP B 146 -8.71 41.13 -31.45
CA ASP B 146 -8.66 40.67 -32.84
C ASP B 146 -9.13 39.21 -32.99
N PHE B 147 -8.94 38.40 -31.96
CA PHE B 147 -9.36 37.01 -32.01
C PHE B 147 -10.19 36.69 -30.79
N PRO B 148 -11.50 36.97 -30.86
CA PRO B 148 -12.41 36.76 -29.73
C PRO B 148 -12.71 35.28 -29.48
N ASP B 149 -12.13 34.40 -30.30
CA ASP B 149 -12.28 32.99 -30.07
C ASP B 149 -11.34 32.55 -28.93
N LEU B 150 -10.29 33.35 -28.68
CA LEU B 150 -9.35 33.10 -27.59
C LEU B 150 -9.95 33.37 -26.22
N PRO B 151 -10.07 32.33 -25.39
CA PRO B 151 -10.61 32.41 -24.03
C PRO B 151 -9.71 33.16 -23.06
N ASP B 152 -8.42 32.83 -23.14
CA ASP B 152 -7.42 33.33 -22.20
C ASP B 152 -6.05 33.23 -22.87
N PRO B 153 -5.02 33.91 -22.31
CA PRO B 153 -3.68 33.86 -22.91
C PRO B 153 -3.19 32.43 -23.13
N GLN B 154 -3.48 31.57 -22.16
CA GLN B 154 -2.96 30.22 -22.16
C GLN B 154 -3.38 29.42 -23.38
N ALA B 155 -4.55 29.75 -23.91
CA ALA B 155 -5.11 29.05 -25.06
C ALA B 155 -4.22 29.17 -26.28
N MET B 156 -3.37 30.18 -26.25
CA MET B 156 -2.44 30.43 -27.33
C MET B 156 -1.50 29.25 -27.49
N PHE B 157 -1.33 28.49 -26.41
CA PHE B 157 -0.45 27.34 -26.40
C PHE B 157 -1.24 26.04 -26.27
N ASP B 158 -2.54 26.11 -26.53
CA ASP B 158 -3.36 24.90 -26.56
C ASP B 158 -3.24 24.28 -27.94
N ILE B 159 -2.93 22.99 -27.99
CA ILE B 159 -2.64 22.35 -29.27
C ILE B 159 -3.87 22.29 -30.18
N GLU B 160 -5.03 22.07 -29.57
CA GLU B 160 -6.28 21.99 -30.34
C GLU B 160 -6.68 23.35 -30.89
N TYR B 161 -6.52 24.39 -30.08
CA TYR B 161 -6.83 25.73 -30.56
C TYR B 161 -5.85 26.11 -31.67
N PHE B 162 -4.59 25.71 -31.51
CA PHE B 162 -3.57 25.99 -32.52
C PHE B 162 -3.97 25.33 -33.84
N ARG B 163 -4.39 24.07 -33.79
CA ARG B 163 -4.94 23.43 -34.99
C ARG B 163 -6.13 24.21 -35.56
N LYS B 164 -7.05 24.62 -34.68
CA LYS B 164 -8.22 25.37 -35.13
C LYS B 164 -7.83 26.69 -35.79
N ASP B 165 -6.92 27.44 -35.17
CA ASP B 165 -6.49 28.73 -35.71
C ASP B 165 -5.15 29.15 -35.13
N PRO B 166 -4.08 28.97 -35.91
CA PRO B 166 -2.71 29.27 -35.49
C PRO B 166 -2.33 30.74 -35.63
N ARG B 167 -3.27 31.56 -36.06
CA ARG B 167 -3.02 32.98 -36.26
C ARG B 167 -2.52 33.70 -34.98
N PRO B 168 -3.23 33.54 -33.84
CA PRO B 168 -2.80 34.28 -32.64
C PRO B 168 -1.40 33.91 -32.15
N PHE B 169 -1.08 32.63 -32.23
CA PHE B 169 0.20 32.14 -31.77
C PHE B 169 1.35 32.81 -32.50
N PHE B 170 1.22 32.98 -33.81
CA PHE B 170 2.28 33.55 -34.61
C PHE B 170 2.20 35.08 -34.60
N LYS B 171 1.03 35.62 -34.28
CA LYS B 171 0.92 37.06 -34.06
C LYS B 171 1.69 37.40 -32.79
N PHE B 172 1.85 36.41 -31.92
CA PHE B 172 2.57 36.57 -30.67
C PHE B 172 4.05 36.16 -30.81
N ALA B 173 4.30 35.27 -31.76
CA ALA B 173 5.63 34.70 -31.98
C ALA B 173 6.62 35.79 -32.29
N LYS B 174 6.31 36.63 -33.27
CA LYS B 174 7.22 37.69 -33.66
C LYS B 174 7.35 38.71 -32.51
N GLU B 175 6.37 38.74 -31.62
CA GLU B 175 6.44 39.67 -30.50
C GLU B 175 7.50 39.19 -29.52
N ILE B 176 7.66 37.87 -29.40
CA ILE B 176 8.69 37.39 -28.48
C ILE B 176 9.81 36.59 -29.15
N TYR B 177 9.93 36.70 -30.47
CA TYR B 177 10.90 35.89 -31.20
C TYR B 177 12.33 36.19 -30.73
N PRO B 178 13.19 35.16 -30.69
CA PRO B 178 14.52 35.20 -30.06
C PRO B 178 15.48 36.25 -30.59
N GLY B 179 15.11 36.97 -31.63
CA GLY B 179 16.02 37.95 -32.19
C GLY B 179 16.25 39.29 -31.49
N GLN B 180 15.36 39.73 -30.58
CA GLN B 180 15.48 41.12 -30.12
C GLN B 180 15.50 41.37 -28.61
N PHE B 181 16.12 40.52 -27.82
CA PHE B 181 16.16 40.78 -26.39
C PHE B 181 17.49 40.46 -25.74
N GLN B 182 17.84 41.22 -24.70
CA GLN B 182 19.09 41.01 -23.98
C GLN B 182 18.80 40.44 -22.61
N PRO B 183 19.66 39.52 -22.14
CA PRO B 183 19.51 38.84 -20.85
C PRO B 183 19.46 39.80 -19.66
N SER B 184 18.84 39.37 -18.57
CA SER B 184 18.77 40.18 -17.36
C SER B 184 19.91 39.83 -16.41
N LEU B 185 19.98 40.55 -15.29
CA LEU B 185 20.95 40.31 -14.25
C LEU B 185 20.84 38.89 -13.74
N CYS B 186 19.61 38.39 -13.66
CA CYS B 186 19.35 37.05 -13.16
C CYS B 186 20.04 36.03 -14.07
N HIS B 187 19.81 36.21 -15.37
CA HIS B 187 20.47 35.39 -16.37
C HIS B 187 21.98 35.40 -16.20
N LYS B 188 22.56 36.59 -16.08
CA LYS B 188 24.01 36.73 -15.97
C LYS B 188 24.51 36.04 -14.72
N PHE B 189 23.71 36.13 -13.65
CA PHE B 189 24.00 35.49 -12.38
C PHE B 189 24.07 33.97 -12.53
N ILE B 190 23.09 33.41 -13.24
CA ILE B 190 23.06 31.98 -13.46
C ILE B 190 24.26 31.55 -14.29
N ALA B 191 24.52 32.33 -15.33
CA ALA B 191 25.63 32.06 -16.25
C ALA B 191 26.95 32.06 -15.52
N LEU B 192 27.11 33.01 -14.60
CA LEU B 192 28.30 33.10 -13.79
C LEU B 192 28.40 31.90 -12.86
N SER B 193 27.29 31.50 -12.23
CA SER B 193 27.30 30.30 -11.39
C SER B 193 27.69 29.07 -12.19
N ASP B 194 27.44 29.13 -13.49
CA ASP B 194 27.79 28.03 -14.37
C ASP B 194 29.28 28.09 -14.68
N LYS B 195 29.81 29.28 -14.91
CA LYS B 195 31.26 29.46 -15.07
C LYS B 195 32.00 28.87 -13.89
N GLU B 196 31.68 29.35 -12.70
CA GLU B 196 32.37 28.87 -11.51
C GLU B 196 32.04 27.41 -11.19
N GLY B 197 31.13 26.82 -11.95
CA GLY B 197 30.87 25.40 -11.83
C GLY B 197 30.07 24.96 -10.62
N LYS B 198 29.34 25.89 -10.02
CA LYS B 198 28.50 25.57 -8.87
C LYS B 198 27.09 25.17 -9.30
N LEU B 199 26.75 25.48 -10.56
CA LEU B 199 25.42 25.22 -11.11
C LEU B 199 25.25 23.78 -11.59
N LEU B 200 24.38 23.02 -10.93
CA LEU B 200 24.12 21.65 -11.35
C LEU B 200 23.30 21.62 -12.62
N ARG B 201 22.30 22.50 -12.68
CA ARG B 201 21.43 22.63 -13.85
C ARG B 201 20.50 23.83 -13.72
N ASN B 202 20.20 24.49 -14.83
CA ASN B 202 19.17 25.51 -14.82
C ASN B 202 17.94 25.09 -15.59
N TYR B 203 16.93 24.59 -14.87
CA TYR B 203 15.63 24.29 -15.45
C TYR B 203 14.81 25.55 -15.64
N THR B 204 14.45 25.83 -16.89
CA THR B 204 13.63 27.00 -17.20
C THR B 204 12.29 26.61 -17.81
N GLN B 205 11.27 27.42 -17.53
CA GLN B 205 9.96 27.27 -18.14
C GLN B 205 9.78 28.30 -19.24
N ASN B 206 10.80 29.13 -19.44
CA ASN B 206 10.74 30.18 -20.43
C ASN B 206 10.98 29.65 -21.81
N ILE B 207 10.44 30.33 -22.80
CA ILE B 207 10.60 29.90 -24.18
C ILE B 207 11.31 30.97 -25.02
N ASP B 208 12.01 31.88 -24.35
CA ASP B 208 12.67 32.99 -25.04
C ASP B 208 14.13 32.70 -25.43
N THR B 209 14.68 31.59 -24.92
CA THR B 209 16.05 31.17 -25.21
C THR B 209 17.09 32.19 -24.77
N LEU B 210 16.75 33.06 -23.83
CA LEU B 210 17.71 34.03 -23.32
C LEU B 210 18.80 33.37 -22.49
N GLU B 211 18.54 32.14 -22.05
CA GLU B 211 19.54 31.40 -21.28
C GLU B 211 20.82 31.18 -22.10
N GLN B 212 20.67 30.87 -23.38
CA GLN B 212 21.84 30.66 -24.25
C GLN B 212 22.58 31.96 -24.50
N VAL B 213 21.81 33.00 -24.84
CA VAL B 213 22.36 34.33 -25.07
C VAL B 213 23.18 34.82 -23.87
N ALA B 214 22.76 34.46 -22.67
CA ALA B 214 23.48 34.86 -21.47
C ALA B 214 24.65 33.92 -21.24
N GLY B 215 24.74 32.88 -22.05
CA GLY B 215 25.89 32.01 -21.98
C GLY B 215 25.82 30.95 -20.89
N ILE B 216 24.62 30.56 -20.49
CA ILE B 216 24.48 29.44 -19.57
C ILE B 216 24.68 28.14 -20.35
N GLN B 217 25.42 27.20 -19.77
CA GLN B 217 25.77 25.97 -20.49
C GLN B 217 24.87 24.79 -20.10
N ARG B 218 24.58 24.66 -18.82
CA ARG B 218 23.69 23.61 -18.37
C ARG B 218 22.24 24.06 -18.25
N ILE B 219 21.57 24.26 -19.39
CA ILE B 219 20.16 24.64 -19.36
C ILE B 219 19.27 23.50 -19.82
N ILE B 220 18.07 23.45 -19.27
CA ILE B 220 17.03 22.53 -19.72
C ILE B 220 15.79 23.36 -19.92
N GLN B 221 15.35 23.46 -21.16
CA GLN B 221 14.18 24.25 -21.48
C GLN B 221 12.96 23.34 -21.42
N CYS B 222 12.41 23.26 -20.21
CA CYS B 222 11.37 22.31 -19.86
C CYS B 222 10.18 22.38 -20.80
N HIS B 223 9.88 23.57 -21.29
CA HIS B 223 8.72 23.78 -22.13
C HIS B 223 9.08 24.01 -23.59
N GLY B 224 10.29 23.60 -23.95
CA GLY B 224 10.76 23.77 -25.30
C GLY B 224 11.22 25.19 -25.54
N SER B 225 11.36 25.54 -26.81
CA SER B 225 11.83 26.86 -27.21
C SER B 225 11.50 27.09 -28.69
N PHE B 226 11.82 28.28 -29.18
CA PHE B 226 11.59 28.62 -30.58
C PHE B 226 12.72 28.15 -31.46
N ALA B 227 13.74 27.56 -30.82
CA ALA B 227 15.01 27.19 -31.46
C ALA B 227 14.83 26.47 -32.79
N THR B 228 13.89 25.55 -32.84
CA THR B 228 13.55 24.90 -34.10
C THR B 228 12.04 24.82 -34.27
N ALA B 229 11.61 24.43 -35.46
CA ALA B 229 10.20 24.20 -35.73
C ALA B 229 10.04 22.81 -36.33
N SER B 230 8.81 22.31 -36.33
CA SER B 230 8.54 20.97 -36.81
C SER B 230 7.14 20.89 -37.38
N CYS B 231 7.00 20.24 -38.53
CA CYS B 231 5.70 20.11 -39.17
C CYS B 231 4.71 19.31 -38.34
N LEU B 232 3.43 19.66 -38.46
CA LEU B 232 2.38 18.99 -37.72
C LEU B 232 2.06 17.62 -38.31
N ILE B 233 2.47 17.39 -39.55
CA ILE B 233 2.11 16.16 -40.24
C ILE B 233 3.33 15.26 -40.51
N CYS B 234 4.33 15.80 -41.21
CA CYS B 234 5.50 14.99 -41.59
C CYS B 234 6.64 15.11 -40.58
N LYS B 235 6.44 15.92 -39.55
CA LYS B 235 7.43 16.10 -38.48
C LYS B 235 8.77 16.62 -38.99
N TYR B 236 8.70 17.45 -40.03
CA TYR B 236 9.88 18.01 -40.70
C TYR B 236 10.51 19.17 -39.91
N LYS B 237 11.75 18.99 -39.44
CA LYS B 237 12.43 19.99 -38.62
C LYS B 237 13.06 21.12 -39.44
N VAL B 238 13.02 22.35 -38.93
CA VAL B 238 13.74 23.47 -39.54
C VAL B 238 14.29 24.40 -38.45
N ASP B 239 15.28 25.23 -38.82
CA ASP B 239 15.86 26.19 -37.90
C ASP B 239 14.88 27.33 -37.63
N CYS B 240 15.14 28.12 -36.59
CA CYS B 240 14.25 29.24 -36.26
C CYS B 240 14.39 30.36 -37.26
N GLU B 241 15.60 30.49 -37.81
CA GLU B 241 15.90 31.54 -38.76
C GLU B 241 15.24 31.22 -40.10
N ALA B 242 14.83 29.96 -40.27
CA ALA B 242 14.15 29.52 -41.47
C ALA B 242 12.72 30.02 -41.51
N VAL B 243 12.12 30.19 -40.33
CA VAL B 243 10.71 30.55 -40.21
C VAL B 243 10.55 32.02 -39.85
N ARG B 244 11.62 32.61 -39.33
CA ARG B 244 11.64 34.03 -38.96
C ARG B 244 11.03 34.93 -40.03
N GLY B 245 11.29 34.60 -41.29
CA GLY B 245 10.79 35.38 -42.41
C GLY B 245 9.28 35.42 -42.48
N ASP B 246 8.68 34.25 -42.61
CA ASP B 246 7.22 34.12 -42.68
C ASP B 246 6.57 34.71 -41.42
N ILE B 247 7.17 34.46 -40.27
CA ILE B 247 6.59 34.90 -39.00
C ILE B 247 6.59 36.42 -38.86
N PHE B 248 7.69 37.06 -39.24
CA PHE B 248 7.82 38.51 -39.06
C PHE B 248 7.05 39.30 -40.12
N ASN B 249 6.60 38.62 -41.17
CA ASN B 249 5.68 39.23 -42.12
C ASN B 249 4.23 38.82 -41.79
N GLN B 250 4.10 38.05 -40.71
CA GLN B 250 2.82 37.50 -40.25
C GLN B 250 2.10 36.69 -41.31
N VAL B 251 2.82 35.68 -41.80
CA VAL B 251 2.25 34.65 -42.65
C VAL B 251 2.46 33.30 -41.98
N VAL B 252 1.42 32.48 -41.93
CA VAL B 252 1.55 31.16 -41.33
C VAL B 252 2.52 30.33 -42.15
N PRO B 253 3.70 30.02 -41.57
CA PRO B 253 4.75 29.29 -42.27
C PRO B 253 4.30 27.87 -42.62
N ARG B 254 4.28 27.57 -43.90
CA ARG B 254 3.77 26.29 -44.36
C ARG B 254 4.92 25.31 -44.57
N CYS B 255 4.59 24.03 -44.61
CA CYS B 255 5.60 23.00 -44.83
C CYS B 255 5.93 22.96 -46.32
N PRO B 256 7.22 22.85 -46.66
CA PRO B 256 7.62 22.83 -48.07
C PRO B 256 7.16 21.57 -48.81
N ARG B 257 7.36 20.41 -48.21
CA ARG B 257 7.10 19.15 -48.91
C ARG B 257 5.62 18.75 -48.97
N CYS B 258 4.91 18.83 -47.86
CA CYS B 258 3.49 18.47 -47.84
C CYS B 258 2.74 19.32 -48.87
N PRO B 259 1.73 18.74 -49.52
CA PRO B 259 0.97 19.45 -50.55
C PRO B 259 0.31 20.72 -50.02
N ALA B 260 0.27 21.76 -50.85
CA ALA B 260 -0.33 23.03 -50.47
C ALA B 260 -1.80 22.80 -50.12
N ASP B 261 -2.38 21.78 -50.74
CA ASP B 261 -3.78 21.41 -50.52
C ASP B 261 -4.04 21.00 -49.07
N GLU B 262 -3.02 20.46 -48.41
CA GLU B 262 -3.14 20.04 -47.02
C GLU B 262 -3.01 21.25 -46.07
N PRO B 263 -4.09 21.60 -45.37
CA PRO B 263 -4.17 22.83 -44.57
C PRO B 263 -3.44 22.78 -43.22
N LEU B 264 -3.41 21.60 -42.59
CA LEU B 264 -2.82 21.49 -41.26
C LEU B 264 -1.31 21.28 -41.32
N ALA B 265 -0.74 21.39 -42.52
CA ALA B 265 0.70 21.28 -42.70
C ALA B 265 1.38 22.58 -42.29
N ILE B 266 1.46 22.80 -40.98
CA ILE B 266 1.99 24.05 -40.43
C ILE B 266 3.27 23.80 -39.64
N MET B 267 4.22 24.72 -39.77
CA MET B 267 5.49 24.60 -39.07
C MET B 267 5.39 25.08 -37.61
N LYS B 268 5.14 24.15 -36.69
CA LYS B 268 4.97 24.50 -35.28
C LYS B 268 6.28 24.45 -34.52
N PRO B 269 6.68 25.60 -33.96
CA PRO B 269 7.87 25.73 -33.12
C PRO B 269 7.88 24.70 -32.01
N GLU B 270 9.07 24.27 -31.62
CA GLU B 270 9.21 23.21 -30.64
C GLU B 270 9.08 23.74 -29.22
N ILE B 271 7.96 24.39 -28.93
CA ILE B 271 7.60 24.69 -27.55
C ILE B 271 6.52 23.73 -27.12
N VAL B 272 6.60 23.29 -25.86
CA VAL B 272 5.67 22.30 -25.34
C VAL B 272 4.30 22.93 -25.10
N PHE B 273 3.36 22.64 -25.99
CA PHE B 273 2.02 23.13 -25.83
C PHE B 273 1.31 22.35 -24.71
N PHE B 274 0.24 22.93 -24.18
CA PHE B 274 -0.54 22.26 -23.14
C PHE B 274 -1.15 20.97 -23.67
N GLY B 275 -0.90 19.87 -22.95
CA GLY B 275 -1.41 18.58 -23.35
C GLY B 275 -0.37 17.79 -24.12
N GLU B 276 0.81 18.39 -24.29
CA GLU B 276 1.95 17.73 -24.93
C GLU B 276 2.96 17.28 -23.87
N ASN B 277 3.72 16.22 -24.18
CA ASN B 277 4.77 15.75 -23.27
C ASN B 277 5.92 16.74 -23.17
N LEU B 278 6.57 16.77 -22.02
CA LEU B 278 7.80 17.55 -21.91
C LEU B 278 8.93 16.79 -22.61
N PRO B 279 9.97 17.51 -23.04
CA PRO B 279 11.08 16.86 -23.72
C PRO B 279 11.76 15.83 -22.81
N GLU B 280 12.23 14.74 -23.41
CA GLU B 280 12.83 13.65 -22.66
C GLU B 280 14.11 14.06 -21.95
N GLN B 281 14.77 15.09 -22.46
CA GLN B 281 15.98 15.59 -21.80
C GLN B 281 15.60 16.13 -20.42
N PHE B 282 14.38 16.66 -20.30
CA PHE B 282 13.90 17.18 -19.03
C PHE B 282 13.79 16.06 -18.00
N HIS B 283 13.08 15.00 -18.38
CA HIS B 283 12.87 13.88 -17.47
C HIS B 283 14.17 13.17 -17.13
N ARG B 284 15.04 12.99 -18.13
CA ARG B 284 16.35 12.41 -17.92
C ARG B 284 17.15 13.22 -16.91
N ALA B 285 17.28 14.52 -17.20
CA ALA B 285 18.01 15.43 -16.34
C ALA B 285 17.45 15.42 -14.92
N MET B 286 16.14 15.35 -14.77
CA MET B 286 15.59 15.33 -13.43
C MET B 286 15.94 14.05 -12.71
N LYS B 287 15.88 12.92 -13.43
CA LYS B 287 16.18 11.65 -12.79
C LYS B 287 17.64 11.65 -12.35
N TYR B 288 18.50 12.36 -13.09
CA TYR B 288 19.91 12.49 -12.68
C TYR B 288 20.05 13.40 -11.46
N ASP B 289 19.69 14.66 -11.64
CA ASP B 289 19.90 15.72 -10.66
C ASP B 289 19.07 15.58 -9.37
N LYS B 290 18.10 14.67 -9.37
CA LYS B 290 17.29 14.44 -8.18
C LYS B 290 18.14 14.18 -6.95
N ASP B 291 19.21 13.39 -7.09
CA ASP B 291 19.98 12.97 -5.92
C ASP B 291 21.38 13.58 -5.85
N GLU B 292 21.58 14.70 -6.52
CA GLU B 292 22.88 15.35 -6.54
C GLU B 292 22.80 16.77 -6.00
N VAL B 293 21.66 17.42 -6.26
CA VAL B 293 21.45 18.80 -5.85
C VAL B 293 21.59 18.96 -4.33
N ASP B 294 22.31 20.00 -3.93
CA ASP B 294 22.48 20.31 -2.51
C ASP B 294 21.85 21.65 -2.18
N LEU B 295 21.26 22.28 -3.19
CA LEU B 295 20.58 23.56 -3.04
C LEU B 295 19.67 23.87 -4.22
N LEU B 296 18.41 24.10 -3.93
CA LEU B 296 17.43 24.46 -4.93
C LEU B 296 17.07 25.92 -4.75
N ILE B 297 16.99 26.64 -5.85
CA ILE B 297 16.61 28.05 -5.81
C ILE B 297 15.56 28.34 -6.87
N VAL B 298 14.36 28.74 -6.45
CA VAL B 298 13.33 29.11 -7.40
C VAL B 298 13.33 30.63 -7.61
N ILE B 299 13.49 31.04 -8.85
CA ILE B 299 13.60 32.45 -9.18
C ILE B 299 12.63 32.84 -10.29
N GLY B 300 11.76 33.79 -9.99
CA GLY B 300 10.87 34.35 -10.98
C GLY B 300 9.84 33.39 -11.53
N SER B 301 9.37 32.49 -10.67
CA SER B 301 8.31 31.58 -11.08
C SER B 301 7.40 31.25 -9.92
N SER B 302 6.10 31.26 -10.18
CA SER B 302 5.10 30.97 -9.17
C SER B 302 4.65 29.51 -9.22
N LEU B 303 5.18 28.75 -10.18
CA LEU B 303 5.00 27.29 -10.23
C LEU B 303 3.55 26.83 -10.26
N LYS B 304 2.80 27.28 -11.27
CA LYS B 304 1.38 26.95 -11.38
C LYS B 304 1.13 25.79 -12.32
N VAL B 305 2.03 25.60 -13.28
CA VAL B 305 1.87 24.54 -14.26
C VAL B 305 2.63 23.28 -13.87
N ARG B 306 1.93 22.14 -13.90
CA ARG B 306 2.55 20.84 -13.68
C ARG B 306 2.94 20.28 -15.05
N PRO B 307 3.95 19.39 -15.11
CA PRO B 307 4.64 18.73 -13.99
C PRO B 307 5.87 19.47 -13.43
N VAL B 308 6.25 20.60 -13.99
CA VAL B 308 7.44 21.30 -13.46
C VAL B 308 7.19 21.74 -12.02
N ALA B 309 5.96 22.15 -11.72
CA ALA B 309 5.61 22.62 -10.39
C ALA B 309 5.89 21.55 -9.32
N LEU B 310 6.07 20.32 -9.77
CA LEU B 310 6.33 19.21 -8.87
C LEU B 310 7.76 19.11 -8.36
N ILE B 311 8.70 19.75 -9.04
CA ILE B 311 10.12 19.56 -8.72
C ILE B 311 10.52 19.77 -7.24
N PRO B 312 10.13 20.90 -6.61
CA PRO B 312 10.57 21.11 -5.22
C PRO B 312 10.16 19.99 -4.25
N SER B 313 9.04 19.34 -4.55
CA SER B 313 8.55 18.25 -3.72
C SER B 313 9.17 16.92 -4.13
N SER B 314 9.93 16.94 -5.23
CA SER B 314 10.46 15.72 -5.84
C SER B 314 11.91 15.42 -5.45
N ILE B 315 12.61 16.44 -4.97
CA ILE B 315 13.98 16.26 -4.51
C ILE B 315 13.95 15.91 -3.02
N PRO B 316 15.06 15.37 -2.49
CA PRO B 316 15.16 15.08 -1.05
C PRO B 316 14.84 16.28 -0.19
N HIS B 317 13.97 16.08 0.81
CA HIS B 317 13.46 17.18 1.62
C HIS B 317 14.54 17.92 2.40
N GLU B 318 15.63 17.23 2.70
CA GLU B 318 16.71 17.83 3.48
C GLU B 318 17.43 18.92 2.69
N VAL B 319 17.34 18.85 1.36
CA VAL B 319 17.98 19.86 0.52
C VAL B 319 17.29 21.19 0.76
N PRO B 320 18.05 22.20 1.18
CA PRO B 320 17.54 23.56 1.43
C PRO B 320 16.98 24.25 0.19
N GLN B 321 15.88 24.98 0.35
CA GLN B 321 15.24 25.66 -0.77
C GLN B 321 15.09 27.16 -0.55
N ILE B 322 15.36 27.95 -1.58
CA ILE B 322 15.25 29.40 -1.48
C ILE B 322 14.33 29.95 -2.57
N LEU B 323 13.42 30.84 -2.18
CA LEU B 323 12.49 31.41 -3.15
C LEU B 323 12.84 32.86 -3.46
N ILE B 324 12.85 33.19 -4.75
CA ILE B 324 13.04 34.55 -5.18
C ILE B 324 11.95 34.84 -6.19
N ASN B 325 10.84 35.38 -5.72
CA ASN B 325 9.69 35.64 -6.57
C ASN B 325 9.02 36.95 -6.22
N ARG B 326 8.07 37.37 -7.06
CA ARG B 326 7.32 38.58 -6.75
C ARG B 326 6.27 38.34 -5.68
N GLU B 327 5.79 37.10 -5.56
CA GLU B 327 4.77 36.78 -4.57
C GLU B 327 5.10 35.46 -3.90
N PRO B 328 4.63 35.26 -2.67
CA PRO B 328 4.89 33.99 -1.99
C PRO B 328 4.15 32.85 -2.67
N LEU B 329 4.58 31.62 -2.39
CA LEU B 329 3.86 30.47 -2.91
C LEU B 329 3.21 29.74 -1.73
N PRO B 330 1.87 29.68 -1.72
CA PRO B 330 1.06 29.11 -0.64
C PRO B 330 1.15 27.59 -0.57
N HIS B 331 1.15 26.96 -1.74
CA HIS B 331 1.17 25.51 -1.84
C HIS B 331 2.57 24.95 -1.62
N LEU B 332 3.52 25.80 -1.24
CA LEU B 332 4.91 25.39 -1.10
C LEU B 332 5.59 26.09 0.05
N HIS B 333 6.44 25.35 0.77
CA HIS B 333 7.13 25.90 1.91
C HIS B 333 8.64 25.99 1.68
N PHE B 334 9.14 27.20 1.43
CA PHE B 334 10.56 27.39 1.25
C PHE B 334 11.24 27.79 2.54
N ASP B 335 12.55 27.57 2.61
CA ASP B 335 13.33 27.93 3.78
C ASP B 335 13.46 29.43 3.90
N VAL B 336 13.74 30.10 2.78
CA VAL B 336 13.86 31.55 2.78
C VAL B 336 13.05 32.16 1.65
N GLU B 337 12.20 33.13 1.97
CA GLU B 337 11.40 33.75 0.94
C GLU B 337 11.82 35.18 0.74
N LEU B 338 12.44 35.44 -0.41
CA LEU B 338 12.81 36.79 -0.79
C LEU B 338 11.81 37.24 -1.84
N LEU B 339 10.95 38.17 -1.46
CA LEU B 339 9.85 38.60 -2.29
C LEU B 339 10.06 40.00 -2.84
N GLY B 340 10.12 40.12 -4.17
CA GLY B 340 10.32 41.40 -4.83
C GLY B 340 10.63 41.20 -6.30
N ASP B 341 11.10 42.24 -6.98
CA ASP B 341 11.59 42.07 -8.34
C ASP B 341 12.78 41.14 -8.32
N CYS B 342 12.90 40.29 -9.33
CA CYS B 342 13.95 39.28 -9.35
C CYS B 342 15.32 39.92 -9.40
N ASP B 343 15.49 40.83 -10.36
CA ASP B 343 16.76 41.49 -10.56
C ASP B 343 17.19 42.29 -9.34
N VAL B 344 16.23 42.91 -8.64
CA VAL B 344 16.58 43.63 -7.42
C VAL B 344 17.20 42.70 -6.39
N ILE B 345 16.49 41.63 -6.08
CA ILE B 345 16.92 40.67 -5.06
C ILE B 345 18.25 40.04 -5.44
N ILE B 346 18.38 39.69 -6.72
CA ILE B 346 19.61 39.11 -7.24
C ILE B 346 20.75 40.09 -7.06
N ASN B 347 20.51 41.36 -7.42
CA ASN B 347 21.49 42.42 -7.23
C ASN B 347 21.98 42.51 -5.79
N GLU B 348 21.03 42.56 -4.85
CA GLU B 348 21.39 42.58 -3.44
C GLU B 348 22.28 41.39 -3.10
N LEU B 349 21.89 40.21 -3.58
CA LEU B 349 22.65 39.00 -3.29
C LEU B 349 24.05 39.04 -3.89
N CYS B 350 24.17 39.62 -5.08
CA CYS B 350 25.46 39.84 -5.72
C CYS B 350 26.36 40.71 -4.85
N HIS B 351 25.87 41.90 -4.49
CA HIS B 351 26.65 42.80 -3.67
C HIS B 351 27.05 42.14 -2.35
N ARG B 352 26.22 41.23 -1.87
CA ARG B 352 26.55 40.52 -0.64
C ARG B 352 27.54 39.38 -0.88
N LEU B 353 27.62 38.88 -2.11
CA LEU B 353 28.49 37.75 -2.42
C LEU B 353 29.92 38.19 -2.72
N GLY B 354 30.07 39.42 -3.22
CA GLY B 354 31.36 39.95 -3.61
C GLY B 354 31.91 39.31 -4.87
N GLY B 355 33.17 39.63 -5.19
CA GLY B 355 33.80 39.08 -6.37
C GLY B 355 33.18 39.47 -7.69
N GLU B 356 33.25 38.57 -8.67
CA GLU B 356 32.74 38.84 -10.00
C GLU B 356 31.23 39.06 -9.96
N TYR B 357 30.57 38.38 -9.02
CA TYR B 357 29.15 38.55 -8.77
C TYR B 357 28.81 40.00 -8.50
N ALA B 358 29.54 40.59 -7.57
CA ALA B 358 29.38 42.00 -7.25
C ALA B 358 29.74 42.82 -8.49
N LYS B 359 30.71 42.33 -9.25
CA LYS B 359 31.15 43.04 -10.46
C LYS B 359 30.08 43.03 -11.55
N LEU B 360 29.01 42.26 -11.35
CA LEU B 360 27.99 42.10 -12.39
C LEU B 360 26.90 43.18 -12.35
N SER B 361 26.96 44.07 -11.35
CA SER B 361 25.90 45.06 -11.16
C SER B 361 26.38 46.48 -10.89
N SER B 362 25.46 47.43 -11.05
CA SER B 362 25.74 48.85 -10.84
C SER B 362 24.77 49.49 -9.85
N ASN B 363 25.22 49.71 -8.61
CA ASN B 363 24.41 50.44 -7.64
C ASN B 363 25.14 51.66 -7.07
N ILE B 370 24.77 51.37 5.99
CA ILE B 370 24.39 50.01 6.36
C ILE B 370 22.88 49.82 6.23
N THR B 371 22.15 50.95 6.15
CA THR B 371 20.68 50.94 5.99
C THR B 371 20.24 49.93 4.92
N GLU B 372 19.19 49.17 5.22
CA GLU B 372 18.71 48.10 4.34
C GLU B 372 17.67 48.56 3.33
N GLN B 373 17.70 47.96 2.13
CA GLN B 373 16.80 48.34 1.03
C GLN B 373 15.57 47.42 0.99
N TYR B 374 15.44 46.61 2.03
CA TYR B 374 14.41 45.59 2.15
C TYR B 374 13.82 45.57 3.54
N LEU B 375 12.74 44.81 3.74
CA LEU B 375 12.13 44.72 5.06
C LEU B 375 12.00 43.28 5.54
N PHE B 376 12.65 42.99 6.67
CA PHE B 376 12.70 41.62 7.18
C PHE B 376 11.50 41.30 8.07
N LEU B 377 10.72 40.31 7.65
CA LEU B 377 9.57 39.85 8.43
C LEU B 377 9.81 38.44 8.92
N PRO B 378 10.46 38.31 10.10
CA PRO B 378 10.85 37.02 10.68
C PRO B 378 9.75 35.96 10.62
N PRO B 379 10.15 34.69 10.43
CA PRO B 379 11.55 34.28 10.31
C PRO B 379 12.10 34.18 8.87
N ASN B 380 11.22 34.13 7.88
CA ASN B 380 11.58 33.74 6.51
C ASN B 380 11.62 34.88 5.52
N ARG B 381 10.74 35.83 5.72
CA ARG B 381 10.36 36.73 4.66
C ARG B 381 11.23 37.96 4.59
N TYR B 382 11.59 38.36 3.38
CA TYR B 382 12.25 39.63 3.12
C TYR B 382 11.54 40.30 1.98
N ILE B 383 11.07 41.52 2.19
CA ILE B 383 10.32 42.16 1.13
C ILE B 383 11.08 43.30 0.48
N PHE B 384 11.23 43.17 -0.84
CA PHE B 384 11.93 44.14 -1.69
C PHE B 384 10.93 44.91 -2.54
N HIS B 385 11.43 45.85 -3.34
CA HIS B 385 10.56 46.57 -4.27
C HIS B 385 10.01 45.61 -5.31
N GLY B 386 8.85 45.93 -5.86
CA GLY B 386 8.26 45.11 -6.89
C GLY B 386 7.60 43.86 -6.33
N ALA B 387 7.62 43.72 -5.01
CA ALA B 387 6.91 42.62 -4.36
C ALA B 387 5.40 42.85 -4.45
N GLU B 388 4.64 41.77 -4.37
CA GLU B 388 3.19 41.88 -4.26
C GLU B 388 2.56 40.64 -3.63
N VAL B 389 1.98 40.81 -2.45
CA VAL B 389 1.27 39.71 -1.82
C VAL B 389 -0.25 39.98 -1.81
N TYR B 390 -0.93 39.37 -2.79
CA TYR B 390 -2.34 39.63 -3.05
C TYR B 390 -3.05 38.32 -3.39
N ASP C 4 -17.50 -18.24 -8.33
CA ASP C 4 -16.92 -17.65 -7.13
C ASP C 4 -16.42 -16.23 -7.41
N ASN C 5 -15.77 -15.65 -6.40
CA ASN C 5 -15.24 -14.30 -6.50
C ASN C 5 -13.71 -14.28 -6.53
N LEU C 6 -13.15 -13.08 -6.60
CA LEU C 6 -11.71 -12.89 -6.62
C LEU C 6 -11.09 -13.32 -5.29
N LEU C 7 -11.93 -13.39 -4.26
CA LEU C 7 -11.47 -13.70 -2.91
C LEU C 7 -11.36 -15.20 -2.73
N PHE C 8 -10.42 -15.62 -1.88
CA PHE C 8 -10.20 -17.04 -1.68
C PHE C 8 -10.65 -17.42 -0.27
N GLY C 9 -10.83 -16.42 0.58
CA GLY C 9 -11.26 -16.64 1.96
C GLY C 9 -10.12 -16.70 2.96
N ASP C 10 -8.89 -16.71 2.47
CA ASP C 10 -7.73 -16.81 3.36
C ASP C 10 -7.06 -15.46 3.57
N GLU C 11 -7.56 -14.42 2.89
CA GLU C 11 -6.97 -13.08 2.99
C GLU C 11 -7.17 -12.50 4.38
N ILE C 12 -6.25 -11.64 4.79
CA ILE C 12 -6.43 -10.91 6.06
C ILE C 12 -6.60 -9.43 5.75
N ILE C 13 -7.60 -8.80 6.39
CA ILE C 13 -7.98 -7.43 6.06
C ILE C 13 -7.31 -6.40 6.96
N THR C 14 -6.35 -5.67 6.40
CA THR C 14 -5.63 -4.63 7.13
C THR C 14 -6.17 -3.26 6.73
N ASN C 15 -6.00 -2.28 7.61
CA ASN C 15 -6.45 -0.92 7.35
C ASN C 15 -5.30 0.08 7.23
N ASP C 35 1.02 -19.65 6.23
CA ASP C 35 2.16 -20.28 6.92
C ASP C 35 3.45 -19.51 6.65
N TRP C 36 4.14 -19.89 5.58
CA TRP C 36 5.41 -19.29 5.18
C TRP C 36 5.20 -18.27 4.07
N THR C 37 4.59 -18.73 2.98
CA THR C 37 4.17 -17.84 1.91
C THR C 37 3.08 -16.93 2.46
N PRO C 38 3.35 -15.62 2.46
CA PRO C 38 2.47 -14.58 3.00
C PRO C 38 1.05 -14.70 2.45
N ARG C 39 0.05 -14.54 3.31
CA ARG C 39 -1.32 -14.45 2.84
C ARG C 39 -1.50 -13.10 2.17
N PRO C 40 -2.40 -13.01 1.18
CA PRO C 40 -2.66 -11.73 0.51
C PRO C 40 -3.23 -10.68 1.47
N ARG C 41 -2.99 -9.41 1.20
CA ARG C 41 -3.54 -8.34 2.02
C ARG C 41 -4.50 -7.44 1.23
N ILE C 42 -5.72 -7.28 1.73
CA ILE C 42 -6.66 -6.35 1.11
C ILE C 42 -7.16 -5.29 2.09
N GLY C 43 -7.52 -4.13 1.53
CA GLY C 43 -8.20 -3.10 2.30
C GLY C 43 -9.67 -3.47 2.41
N PRO C 44 -10.34 -3.01 3.48
CA PRO C 44 -11.76 -3.31 3.69
C PRO C 44 -12.62 -2.78 2.55
N TYR C 45 -12.22 -1.67 1.96
CA TYR C 45 -12.97 -1.10 0.84
C TYR C 45 -12.89 -2.02 -0.37
N THR C 46 -11.69 -2.55 -0.61
CA THR C 46 -11.48 -3.50 -1.70
C THR C 46 -12.25 -4.79 -1.48
N PHE C 47 -12.19 -5.27 -0.24
CA PHE C 47 -12.92 -6.46 0.20
C PHE C 47 -14.42 -6.34 -0.06
N VAL C 48 -15.03 -5.29 0.50
CA VAL C 48 -16.46 -5.07 0.35
C VAL C 48 -16.83 -4.82 -1.11
N GLN C 49 -15.94 -4.15 -1.85
CA GLN C 49 -16.12 -3.98 -3.29
C GLN C 49 -16.27 -5.32 -3.99
N GLN C 50 -15.33 -6.20 -3.69
CA GLN C 50 -15.33 -7.55 -4.21
C GLN C 50 -16.67 -8.24 -3.91
N HIS C 51 -17.07 -8.19 -2.64
CA HIS C 51 -18.32 -8.82 -2.23
C HIS C 51 -19.53 -8.17 -2.92
N LEU C 52 -19.36 -6.92 -3.34
CA LEU C 52 -20.38 -6.21 -4.09
C LEU C 52 -20.52 -6.79 -5.48
N MET C 53 -19.39 -7.05 -6.13
CA MET C 53 -19.43 -7.60 -7.50
C MET C 53 -20.19 -8.93 -7.61
N ILE C 54 -20.19 -9.73 -6.55
CA ILE C 54 -21.02 -10.94 -6.55
C ILE C 54 -22.48 -10.58 -6.31
N GLY C 55 -22.71 -9.42 -5.72
CA GLY C 55 -24.04 -9.01 -5.30
C GLY C 55 -24.44 -9.81 -4.08
N THR C 56 -23.48 -10.02 -3.20
CA THR C 56 -23.73 -10.76 -1.97
C THR C 56 -24.45 -9.88 -0.93
N ASP C 57 -25.27 -10.51 -0.11
CA ASP C 57 -26.07 -9.80 0.89
C ASP C 57 -25.23 -9.40 2.10
N PRO C 58 -25.16 -8.09 2.39
CA PRO C 58 -24.36 -7.54 3.49
C PRO C 58 -24.69 -8.17 4.84
N ARG C 59 -25.96 -8.55 5.01
CA ARG C 59 -26.44 -9.18 6.23
C ARG C 59 -25.60 -10.40 6.58
N THR C 60 -25.10 -11.07 5.54
CA THR C 60 -24.26 -12.25 5.72
C THR C 60 -22.99 -11.90 6.48
N ILE C 61 -22.18 -11.01 5.89
CA ILE C 61 -20.92 -10.60 6.48
C ILE C 61 -21.13 -9.94 7.85
N LEU C 62 -22.21 -9.18 7.97
CA LEU C 62 -22.54 -8.52 9.23
C LEU C 62 -22.87 -9.53 10.34
N LYS C 63 -23.56 -10.61 9.97
CA LYS C 63 -23.88 -11.67 10.91
C LYS C 63 -22.69 -12.58 11.18
N ASP C 64 -21.71 -12.56 10.28
CA ASP C 64 -20.48 -13.33 10.45
C ASP C 64 -19.51 -12.57 11.36
N LEU C 65 -19.58 -11.25 11.32
CA LEU C 65 -18.77 -10.39 12.17
C LEU C 65 -19.43 -10.23 13.54
N LEU C 66 -20.74 -10.02 13.52
CA LEU C 66 -21.51 -9.88 14.76
C LEU C 66 -22.66 -10.87 14.79
N PRO C 67 -22.38 -12.09 15.27
CA PRO C 67 -23.36 -13.19 15.32
C PRO C 67 -24.47 -12.98 16.35
N GLU C 68 -24.18 -12.25 17.42
CA GLU C 68 -25.11 -12.14 18.54
C GLU C 68 -26.17 -11.07 18.29
N THR C 69 -26.14 -10.46 17.11
CA THR C 69 -27.04 -9.36 16.82
C THR C 69 -27.50 -9.35 15.37
N ILE C 70 -28.79 -9.05 15.17
CA ILE C 70 -29.37 -8.92 13.85
C ILE C 70 -29.59 -7.45 13.51
N PRO C 71 -29.17 -7.03 12.30
CA PRO C 71 -29.49 -5.68 11.81
C PRO C 71 -30.98 -5.45 11.64
N PRO C 72 -31.50 -4.33 12.18
CA PRO C 72 -32.86 -3.89 11.92
C PRO C 72 -33.15 -3.82 10.42
N PRO C 73 -34.34 -4.25 10.00
CA PRO C 73 -34.69 -4.45 8.59
C PRO C 73 -34.81 -3.16 7.77
N GLU C 74 -34.90 -2.02 8.44
CA GLU C 74 -35.10 -0.74 7.76
C GLU C 74 -33.79 -0.12 7.28
N LEU C 75 -32.73 -0.94 7.25
CA LEU C 75 -31.39 -0.50 6.87
C LEU C 75 -31.05 -0.76 5.42
N ASP C 76 -30.72 0.30 4.68
CA ASP C 76 -30.26 0.15 3.30
C ASP C 76 -29.07 -0.80 3.24
N ASP C 77 -28.94 -1.51 2.13
CA ASP C 77 -27.80 -2.41 1.93
C ASP C 77 -26.50 -1.61 2.02
N MET C 78 -26.50 -0.43 1.41
CA MET C 78 -25.30 0.40 1.39
C MET C 78 -24.88 0.84 2.79
N THR C 79 -25.86 1.21 3.60
CA THR C 79 -25.60 1.54 4.99
C THR C 79 -24.97 0.34 5.69
N LEU C 80 -25.57 -0.83 5.47
CA LEU C 80 -25.07 -2.07 6.05
C LEU C 80 -23.61 -2.30 5.70
N TRP C 81 -23.27 -2.06 4.44
CA TRP C 81 -21.90 -2.22 3.98
C TRP C 81 -20.98 -1.22 4.66
N GLN C 82 -21.45 0.01 4.82
CA GLN C 82 -20.70 1.02 5.54
C GLN C 82 -20.41 0.58 6.97
N ILE C 83 -21.39 -0.08 7.59
CA ILE C 83 -21.23 -0.63 8.92
C ILE C 83 -20.17 -1.72 8.92
N VAL C 84 -20.17 -2.51 7.86
CA VAL C 84 -19.18 -3.57 7.70
C VAL C 84 -17.77 -2.96 7.65
N ILE C 85 -17.64 -1.91 6.86
CA ILE C 85 -16.37 -1.21 6.70
C ILE C 85 -15.92 -0.62 8.03
N ASN C 86 -16.88 -0.08 8.79
CA ASN C 86 -16.62 0.39 10.14
C ASN C 86 -15.98 -0.68 10.99
N ILE C 87 -16.69 -1.81 11.12
CA ILE C 87 -16.21 -2.92 11.94
C ILE C 87 -14.81 -3.37 11.51
N LEU C 88 -14.62 -3.54 10.21
CA LEU C 88 -13.35 -3.97 9.66
C LEU C 88 -12.22 -2.97 9.92
N SER C 89 -12.57 -1.70 10.09
CA SER C 89 -11.57 -0.65 10.26
C SER C 89 -11.19 -0.45 11.72
N GLU C 90 -11.89 -1.11 12.62
CA GLU C 90 -11.67 -0.91 14.05
C GLU C 90 -10.25 -1.28 14.47
N PRO C 91 -9.72 -0.60 15.49
CA PRO C 91 -8.36 -0.77 16.01
C PRO C 91 -8.16 -2.15 16.64
N PRO C 92 -6.90 -2.57 16.85
CA PRO C 92 -6.60 -3.85 17.49
C PRO C 92 -7.07 -3.91 18.95
N LYS C 93 -7.62 -5.05 19.35
CA LYS C 93 -8.08 -5.25 20.73
C LYS C 93 -6.90 -5.23 21.70
N ARG C 94 -7.20 -4.90 22.96
CA ARG C 94 -6.16 -4.71 23.98
C ARG C 94 -5.58 -6.02 24.50
N LYS C 95 -4.26 -6.12 24.49
CA LYS C 95 -3.56 -7.26 25.07
C LYS C 95 -3.44 -7.15 26.59
N LYS C 96 -3.55 -8.29 27.28
CA LYS C 96 -3.39 -8.31 28.73
C LYS C 96 -1.95 -7.99 29.12
N ARG C 97 -1.77 -7.03 30.01
CA ARG C 97 -0.45 -6.60 30.45
C ARG C 97 0.11 -7.50 31.55
N LYS C 98 1.28 -8.09 31.28
CA LYS C 98 1.86 -9.08 32.19
C LYS C 98 2.51 -8.48 33.44
N ASP C 99 2.63 -7.14 33.50
CA ASP C 99 3.11 -6.47 34.71
C ASP C 99 2.10 -6.59 35.84
N ILE C 100 0.87 -6.17 35.55
CA ILE C 100 -0.17 -6.07 36.55
C ILE C 100 -1.12 -7.27 36.54
N ASN C 101 -1.30 -7.89 37.71
CA ASN C 101 -2.20 -9.03 37.86
C ASN C 101 -2.95 -8.98 39.18
N THR C 102 -2.25 -8.60 40.25
CA THR C 102 -2.81 -8.70 41.59
C THR C 102 -3.57 -7.42 41.94
N ILE C 103 -4.46 -7.51 42.92
CA ILE C 103 -5.23 -6.36 43.38
C ILE C 103 -4.35 -5.35 44.12
N GLU C 104 -3.24 -5.82 44.68
CA GLU C 104 -2.27 -4.94 45.34
C GLU C 104 -1.65 -3.92 44.37
N ASP C 105 -1.10 -4.40 43.26
CA ASP C 105 -0.62 -3.52 42.19
C ASP C 105 -1.72 -2.53 41.76
N ALA C 106 -2.95 -3.03 41.68
CA ALA C 106 -4.10 -2.24 41.24
C ALA C 106 -4.41 -1.09 42.19
N VAL C 107 -4.44 -1.35 43.49
CA VAL C 107 -4.69 -0.31 44.48
C VAL C 107 -3.52 0.67 44.53
N LYS C 108 -2.30 0.12 44.36
CA LYS C 108 -1.09 0.91 44.27
C LYS C 108 -1.22 1.94 43.14
N LEU C 109 -1.73 1.49 42.01
CA LEU C 109 -2.00 2.37 40.87
C LEU C 109 -3.13 3.34 41.16
N LEU C 110 -4.18 2.86 41.82
CA LEU C 110 -5.35 3.67 42.15
C LEU C 110 -4.98 4.82 43.08
N GLN C 111 -3.81 4.69 43.72
CA GLN C 111 -3.27 5.77 44.54
C GLN C 111 -2.29 6.62 43.72
N GLU C 112 -1.43 5.94 42.94
CA GLU C 112 -0.40 6.60 42.13
C GLU C 112 -0.94 7.43 40.96
N SER C 113 -2.12 7.06 40.46
CA SER C 113 -2.63 7.60 39.19
C SER C 113 -3.02 9.09 39.27
N LYS C 114 -2.93 9.76 38.12
CA LYS C 114 -3.11 11.20 38.05
C LYS C 114 -4.19 11.63 37.04
N LYS C 115 -4.43 10.78 36.04
CA LYS C 115 -5.40 11.09 34.98
C LYS C 115 -6.33 9.91 34.67
N ILE C 116 -7.34 9.72 35.51
CA ILE C 116 -8.17 8.50 35.45
C ILE C 116 -9.48 8.65 34.67
N ILE C 117 -9.73 7.72 33.75
CA ILE C 117 -11.01 7.64 33.06
C ILE C 117 -11.88 6.50 33.57
N VAL C 118 -13.12 6.83 33.94
CA VAL C 118 -14.07 5.83 34.39
C VAL C 118 -15.25 5.72 33.44
N LEU C 119 -15.47 4.53 32.90
CA LEU C 119 -16.58 4.32 31.98
C LEU C 119 -17.71 3.57 32.69
N THR C 120 -18.85 4.23 32.87
CA THR C 120 -19.96 3.61 33.59
C THR C 120 -21.15 3.38 32.68
N GLY C 121 -22.02 2.46 33.09
CA GLY C 121 -23.22 2.13 32.34
C GLY C 121 -24.40 1.86 33.25
N TYR C 140 -38.62 -4.92 30.29
CA TYR C 140 -39.24 -5.21 29.01
C TYR C 140 -40.43 -6.16 29.16
N ALA C 141 -40.41 -6.98 30.20
CA ALA C 141 -41.49 -7.93 30.46
C ALA C 141 -42.82 -7.18 30.57
N ARG C 142 -42.88 -6.22 31.48
CA ARG C 142 -44.06 -5.41 31.72
C ARG C 142 -44.49 -4.62 30.48
N LEU C 143 -43.51 -4.01 29.81
CA LEU C 143 -43.79 -3.26 28.59
C LEU C 143 -44.33 -4.17 27.50
N ALA C 144 -43.76 -5.37 27.39
CA ALA C 144 -44.20 -6.35 26.41
C ALA C 144 -45.65 -6.71 26.70
N VAL C 145 -45.96 -6.90 27.97
CA VAL C 145 -47.34 -7.16 28.41
C VAL C 145 -48.29 -6.03 27.99
N ASP C 146 -47.87 -4.78 28.20
CA ASP C 146 -48.71 -3.63 27.85
C ASP C 146 -48.64 -3.23 26.36
N PHE C 147 -47.50 -3.48 25.73
CA PHE C 147 -47.29 -3.10 24.33
C PHE C 147 -46.79 -4.25 23.45
N PRO C 148 -47.71 -4.98 22.81
CA PRO C 148 -47.34 -6.12 21.96
C PRO C 148 -46.65 -5.69 20.66
N ASP C 149 -46.46 -4.38 20.49
CA ASP C 149 -45.75 -3.82 19.33
C ASP C 149 -44.22 -3.90 19.48
N LEU C 150 -43.75 -4.06 20.72
CA LEU C 150 -42.32 -4.18 21.02
C LEU C 150 -41.66 -5.50 20.60
N PRO C 151 -40.71 -5.43 19.66
CA PRO C 151 -39.93 -6.59 19.24
C PRO C 151 -38.94 -7.02 20.32
N ASP C 152 -38.25 -6.04 20.90
CA ASP C 152 -37.19 -6.28 21.89
C ASP C 152 -37.02 -5.02 22.75
N PRO C 153 -36.32 -5.12 23.90
CA PRO C 153 -36.10 -3.94 24.75
C PRO C 153 -35.49 -2.74 24.02
N GLN C 154 -34.48 -3.00 23.19
CA GLN C 154 -33.74 -1.95 22.50
C GLN C 154 -34.62 -1.13 21.56
N ALA C 155 -35.73 -1.72 21.12
CA ALA C 155 -36.68 -1.05 20.23
C ALA C 155 -37.24 0.21 20.87
N MET C 156 -37.08 0.29 22.20
CA MET C 156 -37.48 1.48 22.94
C MET C 156 -36.73 2.73 22.48
N PHE C 157 -35.55 2.52 21.90
CA PHE C 157 -34.69 3.62 21.46
C PHE C 157 -34.58 3.70 19.93
N ASP C 158 -35.45 3.01 19.21
CA ASP C 158 -35.43 3.06 17.76
C ASP C 158 -36.18 4.27 17.19
N ILE C 159 -35.54 4.98 16.26
CA ILE C 159 -36.09 6.24 15.75
C ILE C 159 -37.37 6.04 14.92
N GLU C 160 -37.42 4.97 14.13
CA GLU C 160 -38.60 4.67 13.31
C GLU C 160 -39.77 4.22 14.17
N TYR C 161 -39.47 3.44 15.21
CA TYR C 161 -40.49 3.00 16.15
C TYR C 161 -41.04 4.23 16.87
N PHE C 162 -40.16 5.16 17.20
CA PHE C 162 -40.56 6.41 17.83
C PHE C 162 -41.52 7.19 16.92
N ARG C 163 -41.16 7.33 15.65
CA ARG C 163 -42.05 7.97 14.67
C ARG C 163 -43.41 7.28 14.56
N LYS C 164 -43.39 5.97 14.39
CA LYS C 164 -44.61 5.17 14.25
C LYS C 164 -45.48 5.20 15.50
N ASP C 165 -44.85 5.02 16.66
CA ASP C 165 -45.58 4.98 17.92
C ASP C 165 -44.65 5.30 19.10
N PRO C 166 -44.77 6.52 19.65
CA PRO C 166 -43.91 7.01 20.73
C PRO C 166 -44.32 6.52 22.11
N ARG C 167 -45.33 5.65 22.20
CA ARG C 167 -45.83 5.17 23.48
C ARG C 167 -44.79 4.52 24.42
N PRO C 168 -44.03 3.52 23.94
CA PRO C 168 -43.14 2.85 24.90
C PRO C 168 -42.09 3.77 25.48
N PHE C 169 -41.59 4.66 24.63
CA PHE C 169 -40.53 5.60 24.97
C PHE C 169 -40.92 6.58 26.08
N PHE C 170 -42.13 7.12 26.01
CA PHE C 170 -42.58 8.09 26.99
C PHE C 170 -43.17 7.37 28.20
N LYS C 171 -43.59 6.12 28.00
CA LYS C 171 -43.98 5.25 29.09
C LYS C 171 -42.76 4.87 29.93
N PHE C 172 -41.58 4.93 29.31
CA PHE C 172 -40.34 4.59 29.98
C PHE C 172 -39.68 5.86 30.54
N ALA C 173 -40.02 7.01 29.96
CA ALA C 173 -39.39 8.28 30.33
C ALA C 173 -39.58 8.65 31.81
N LYS C 174 -40.83 8.65 32.27
CA LYS C 174 -41.13 9.05 33.65
C LYS C 174 -40.59 8.06 34.69
N GLU C 175 -40.34 6.82 34.26
CA GLU C 175 -39.89 5.77 35.17
C GLU C 175 -38.47 5.97 35.70
N ILE C 176 -37.60 6.59 34.91
CA ILE C 176 -36.22 6.77 35.33
C ILE C 176 -35.82 8.25 35.45
N TYR C 177 -36.81 9.13 35.49
CA TYR C 177 -36.58 10.57 35.49
C TYR C 177 -35.79 11.00 36.73
N PRO C 178 -34.90 12.00 36.59
CA PRO C 178 -33.97 12.41 37.64
C PRO C 178 -34.63 12.96 38.91
N GLY C 179 -35.94 13.15 38.91
CA GLY C 179 -36.61 13.72 40.06
C GLY C 179 -36.84 12.83 41.27
N GLN C 180 -36.83 11.52 41.08
CA GLN C 180 -37.19 10.60 42.16
C GLN C 180 -36.18 9.48 42.35
N PHE C 181 -34.91 9.79 42.15
CA PHE C 181 -33.85 8.80 42.37
C PHE C 181 -32.65 9.42 43.05
N GLN C 182 -32.03 8.63 43.92
CA GLN C 182 -30.87 9.08 44.68
C GLN C 182 -29.66 8.33 44.17
N PRO C 183 -28.51 9.01 44.12
CA PRO C 183 -27.26 8.41 43.64
C PRO C 183 -26.83 7.17 44.43
N SER C 184 -26.09 6.28 43.77
CA SER C 184 -25.56 5.09 44.40
C SER C 184 -24.13 5.36 44.88
N LEU C 185 -23.50 4.35 45.48
CA LEU C 185 -22.12 4.47 45.94
C LEU C 185 -21.16 4.79 44.79
N CYS C 186 -21.43 4.22 43.62
CA CYS C 186 -20.55 4.38 42.46
C CYS C 186 -20.41 5.82 42.00
N HIS C 187 -21.55 6.45 41.74
CA HIS C 187 -21.61 7.84 41.32
C HIS C 187 -20.85 8.76 42.29
N LYS C 188 -21.17 8.62 43.58
CA LYS C 188 -20.56 9.44 44.62
C LYS C 188 -19.04 9.19 44.74
N PHE C 189 -18.62 7.94 44.57
CA PHE C 189 -17.19 7.63 44.59
C PHE C 189 -16.51 8.34 43.43
N ILE C 190 -17.17 8.33 42.28
CA ILE C 190 -16.64 9.00 41.09
C ILE C 190 -16.50 10.49 41.41
N ALA C 191 -17.50 11.03 42.10
CA ALA C 191 -17.47 12.42 42.53
C ALA C 191 -16.28 12.68 43.44
N LEU C 192 -15.95 11.72 44.29
CA LEU C 192 -14.78 11.84 45.17
C LEU C 192 -13.49 11.83 44.38
N SER C 193 -13.37 10.91 43.43
CA SER C 193 -12.22 10.85 42.55
C SER C 193 -12.09 12.13 41.73
N ASP C 194 -13.23 12.80 41.57
CA ASP C 194 -13.30 14.07 40.85
C ASP C 194 -12.77 15.19 41.74
N LYS C 195 -13.16 15.14 43.02
CA LYS C 195 -12.64 16.05 44.04
C LYS C 195 -11.12 16.03 44.09
N GLU C 196 -10.58 14.83 44.24
CA GLU C 196 -9.16 14.60 44.40
C GLU C 196 -8.32 14.97 43.18
N GLY C 197 -8.99 15.29 42.07
CA GLY C 197 -8.32 15.76 40.87
C GLY C 197 -7.61 14.64 40.13
N LYS C 198 -8.00 13.40 40.43
CA LYS C 198 -7.44 12.24 39.74
C LYS C 198 -8.29 11.84 38.54
N LEU C 199 -9.53 12.30 38.51
CA LEU C 199 -10.46 11.95 37.44
C LEU C 199 -10.24 12.82 36.21
N LEU C 200 -9.77 12.19 35.13
CA LEU C 200 -9.59 12.90 33.87
C LEU C 200 -10.94 13.13 33.22
N ARG C 201 -11.80 12.10 33.27
CA ARG C 201 -13.13 12.18 32.71
C ARG C 201 -13.95 10.96 33.12
N ASN C 202 -15.23 11.17 33.36
CA ASN C 202 -16.13 10.05 33.58
C ASN C 202 -17.08 9.93 32.40
N TYR C 203 -16.74 9.03 31.48
CA TYR C 203 -17.63 8.73 30.37
C TYR C 203 -18.74 7.81 30.85
N THR C 204 -19.98 8.29 30.76
CA THR C 204 -21.11 7.49 31.17
C THR C 204 -22.07 7.24 30.01
N GLN C 205 -22.70 6.08 30.01
CA GLN C 205 -23.71 5.75 29.02
C GLN C 205 -25.10 5.97 29.58
N ASN C 206 -25.16 6.47 30.82
CA ASN C 206 -26.43 6.68 31.50
C ASN C 206 -27.13 7.95 31.05
N ILE C 207 -28.45 7.94 31.12
CA ILE C 207 -29.25 9.08 30.71
C ILE C 207 -30.12 9.58 31.87
N ASP C 208 -29.72 9.22 33.09
CA ASP C 208 -30.46 9.59 34.30
C ASP C 208 -29.97 10.90 34.90
N THR C 209 -28.84 11.39 34.40
CA THR C 209 -28.23 12.63 34.88
C THR C 209 -27.86 12.53 36.36
N LEU C 210 -27.70 11.32 36.87
CA LEU C 210 -27.33 11.13 38.27
C LEU C 210 -25.86 11.48 38.52
N GLU C 211 -25.07 11.52 37.45
CA GLU C 211 -23.67 11.92 37.57
C GLU C 211 -23.58 13.38 38.01
N GLN C 212 -24.47 14.21 37.48
CA GLN C 212 -24.53 15.62 37.84
C GLN C 212 -25.04 15.78 39.27
N VAL C 213 -26.14 15.06 39.55
CA VAL C 213 -26.75 15.04 40.88
C VAL C 213 -25.74 14.61 41.94
N ALA C 214 -24.83 13.70 41.57
CA ALA C 214 -23.82 13.23 42.49
C ALA C 214 -22.66 14.23 42.56
N GLY C 215 -22.72 15.26 41.72
CA GLY C 215 -21.76 16.34 41.76
C GLY C 215 -20.44 16.05 41.07
N ILE C 216 -20.47 15.12 40.11
CA ILE C 216 -19.30 14.89 39.27
C ILE C 216 -19.23 16.03 38.26
N GLN C 217 -18.03 16.59 38.08
CA GLN C 217 -17.87 17.77 37.24
C GLN C 217 -17.35 17.45 35.84
N ARG C 218 -16.37 16.57 35.76
CA ARG C 218 -15.81 16.20 34.46
C ARG C 218 -16.51 14.97 33.92
N ILE C 219 -17.77 15.15 33.53
CA ILE C 219 -18.56 14.05 32.99
C ILE C 219 -18.81 14.19 31.50
N ILE C 220 -18.98 13.05 30.84
CA ILE C 220 -19.40 13.03 29.44
C ILE C 220 -20.55 12.05 29.29
N GLN C 221 -21.72 12.57 28.92
CA GLN C 221 -22.90 11.72 28.80
C GLN C 221 -22.97 11.16 27.39
N CYS C 222 -22.24 10.07 27.17
CA CYS C 222 -22.02 9.52 25.84
C CYS C 222 -23.28 9.21 25.05
N HIS C 223 -24.35 8.82 25.72
CA HIS C 223 -25.59 8.52 25.03
C HIS C 223 -26.60 9.62 25.30
N GLY C 224 -26.10 10.79 25.71
CA GLY C 224 -26.95 11.93 25.99
C GLY C 224 -27.61 11.82 27.35
N SER C 225 -28.67 12.60 27.54
CA SER C 225 -29.40 12.58 28.80
C SER C 225 -30.77 13.22 28.61
N PHE C 226 -31.58 13.18 29.67
CA PHE C 226 -32.91 13.77 29.63
C PHE C 226 -32.88 15.25 29.96
N ALA C 227 -31.66 15.77 30.19
CA ALA C 227 -31.44 17.15 30.64
C ALA C 227 -32.26 18.16 29.86
N THR C 228 -32.36 17.98 28.55
CA THR C 228 -33.24 18.82 27.73
C THR C 228 -34.06 17.98 26.76
N ALA C 229 -35.04 18.62 26.13
CA ALA C 229 -35.81 17.98 25.06
C ALA C 229 -35.90 18.89 23.85
N SER C 230 -36.23 18.32 22.70
CA SER C 230 -36.30 19.07 21.45
C SER C 230 -37.28 18.44 20.47
N CYS C 231 -38.10 19.27 19.86
CA CYS C 231 -39.10 18.80 18.89
C CYS C 231 -38.45 18.18 17.66
N LEU C 232 -39.18 17.28 17.01
CA LEU C 232 -38.67 16.53 15.85
C LEU C 232 -38.48 17.36 14.58
N ILE C 233 -39.07 18.54 14.51
CA ILE C 233 -39.00 19.33 13.27
C ILE C 233 -38.23 20.65 13.41
N CYS C 234 -38.63 21.49 14.35
CA CYS C 234 -38.05 22.83 14.46
C CYS C 234 -36.86 22.89 15.42
N LYS C 235 -36.53 21.76 16.03
CA LYS C 235 -35.40 21.65 16.95
C LYS C 235 -35.55 22.58 18.15
N TYR C 236 -36.77 22.79 18.61
CA TYR C 236 -37.01 23.71 19.71
C TYR C 236 -36.65 23.09 21.07
N LYS C 237 -35.66 23.68 21.74
CA LYS C 237 -35.17 23.15 23.01
C LYS C 237 -36.03 23.59 24.20
N VAL C 238 -36.20 22.68 25.16
CA VAL C 238 -36.84 22.99 26.43
C VAL C 238 -36.16 22.26 27.58
N ASP C 239 -36.35 22.75 28.81
CA ASP C 239 -35.79 22.12 30.01
C ASP C 239 -36.48 20.80 30.34
N CYS C 240 -35.89 20.02 31.24
CA CYS C 240 -36.47 18.76 31.67
C CYS C 240 -37.69 18.99 32.56
N GLU C 241 -37.66 20.07 33.32
CA GLU C 241 -38.76 20.42 34.21
C GLU C 241 -39.94 20.96 33.41
N ALA C 242 -39.68 21.36 32.17
CA ALA C 242 -40.73 21.85 31.27
C ALA C 242 -41.58 20.72 30.69
N VAL C 243 -40.97 19.54 30.55
CA VAL C 243 -41.64 18.40 29.93
C VAL C 243 -42.11 17.42 31.01
N ARG C 244 -41.50 17.52 32.20
CA ARG C 244 -41.86 16.68 33.34
C ARG C 244 -43.37 16.53 33.54
N GLY C 245 -44.11 17.62 33.32
CA GLY C 245 -45.55 17.64 33.45
C GLY C 245 -46.24 16.69 32.50
N ASP C 246 -46.03 16.90 31.20
CA ASP C 246 -46.59 16.02 30.17
C ASP C 246 -46.14 14.58 30.37
N ILE C 247 -44.89 14.40 30.77
CA ILE C 247 -44.28 13.08 30.93
C ILE C 247 -44.88 12.25 32.08
N PHE C 248 -45.09 12.87 33.23
CA PHE C 248 -45.57 12.13 34.41
C PHE C 248 -47.06 11.79 34.42
N ASN C 249 -47.84 12.44 33.57
CA ASN C 249 -49.24 12.05 33.36
C ASN C 249 -49.38 11.20 32.10
N GLN C 250 -48.25 10.95 31.44
CA GLN C 250 -48.18 10.18 30.20
C GLN C 250 -49.07 10.73 29.08
N VAL C 251 -48.82 11.99 28.71
CA VAL C 251 -49.40 12.62 27.53
C VAL C 251 -48.26 13.05 26.61
N VAL C 252 -48.40 12.74 25.32
CA VAL C 252 -47.37 13.06 24.34
C VAL C 252 -47.15 14.58 24.19
N PRO C 253 -46.00 15.07 24.67
CA PRO C 253 -45.72 16.51 24.61
C PRO C 253 -45.58 17.00 23.17
N ARG C 254 -46.44 17.93 22.77
CA ARG C 254 -46.44 18.42 21.40
C ARG C 254 -45.69 19.74 21.23
N CYS C 255 -45.35 20.04 19.98
CA CYS C 255 -44.64 21.26 19.63
C CYS C 255 -45.56 22.47 19.60
N ALA C 265 -43.86 15.91 14.78
CA ALA C 265 -43.48 17.02 15.65
C ALA C 265 -43.71 16.67 17.12
N ILE C 266 -42.83 15.84 17.66
CA ILE C 266 -42.94 15.37 19.04
C ILE C 266 -41.72 15.84 19.84
N MET C 267 -41.92 16.18 21.12
CA MET C 267 -40.84 16.66 21.96
C MET C 267 -39.97 15.52 22.43
N LYS C 268 -38.90 15.25 21.68
CA LYS C 268 -37.97 14.16 21.96
C LYS C 268 -36.80 14.61 22.83
N PRO C 269 -36.67 14.00 24.04
CA PRO C 269 -35.54 14.23 24.94
C PRO C 269 -34.20 14.01 24.26
N GLU C 270 -33.18 14.78 24.63
CA GLU C 270 -31.90 14.70 23.95
C GLU C 270 -31.06 13.53 24.43
N ILE C 271 -31.60 12.33 24.24
CA ILE C 271 -30.83 11.10 24.40
C ILE C 271 -30.48 10.55 23.01
N VAL C 272 -29.29 9.95 22.89
CA VAL C 272 -28.82 9.43 21.60
C VAL C 272 -29.54 8.15 21.16
N PHE C 273 -30.42 8.28 20.18
CA PHE C 273 -31.12 7.13 19.62
C PHE C 273 -30.20 6.26 18.79
N PHE C 274 -30.61 5.01 18.55
CA PHE C 274 -29.85 4.14 17.66
C PHE C 274 -29.92 4.71 16.26
N GLY C 275 -28.75 4.97 15.67
CA GLY C 275 -28.68 5.53 14.34
C GLY C 275 -28.47 7.04 14.35
N GLU C 276 -28.42 7.61 15.55
CA GLU C 276 -28.15 9.03 15.70
C GLU C 276 -26.69 9.22 16.13
N ASN C 277 -26.12 10.36 15.77
CA ASN C 277 -24.74 10.65 16.14
C ASN C 277 -24.62 10.89 17.63
N LEU C 278 -23.47 10.52 18.18
CA LEU C 278 -23.17 10.87 19.56
C LEU C 278 -22.81 12.36 19.59
N PRO C 279 -22.93 13.00 20.76
CA PRO C 279 -22.61 14.44 20.84
C PRO C 279 -21.17 14.78 20.46
N GLU C 280 -20.98 15.92 19.81
CA GLU C 280 -19.68 16.35 19.33
C GLU C 280 -18.72 16.57 20.50
N GLN C 281 -19.30 16.85 21.67
CA GLN C 281 -18.49 17.01 22.86
C GLN C 281 -17.83 15.69 23.23
N PHE C 282 -18.50 14.59 22.92
CA PHE C 282 -17.94 13.27 23.21
C PHE C 282 -16.69 13.01 22.39
N HIS C 283 -16.80 13.20 21.08
CA HIS C 283 -15.70 12.97 20.18
C HIS C 283 -14.53 13.92 20.44
N ARG C 284 -14.83 15.19 20.72
CA ARG C 284 -13.78 16.15 21.05
C ARG C 284 -13.04 15.69 22.31
N ALA C 285 -13.82 15.40 23.35
CA ALA C 285 -13.29 14.95 24.62
C ALA C 285 -12.41 13.73 24.44
N MET C 286 -12.84 12.83 23.57
CA MET C 286 -12.09 11.62 23.30
C MET C 286 -10.78 11.96 22.60
N LYS C 287 -10.82 12.93 21.67
CA LYS C 287 -9.62 13.33 20.95
C LYS C 287 -8.58 13.87 21.90
N TYR C 288 -9.03 14.57 22.94
CA TYR C 288 -8.07 15.02 23.94
C TYR C 288 -7.60 13.89 24.85
N ASP C 289 -8.55 13.27 25.54
CA ASP C 289 -8.27 12.28 26.57
C ASP C 289 -7.56 11.03 26.04
N LYS C 290 -7.51 10.89 24.72
CA LYS C 290 -6.81 9.77 24.06
C LYS C 290 -5.37 9.59 24.52
N ASP C 291 -4.64 10.68 24.67
CA ASP C 291 -3.21 10.61 24.96
C ASP C 291 -2.83 11.10 26.35
N GLU C 292 -3.78 11.13 27.28
CA GLU C 292 -3.47 11.59 28.63
C GLU C 292 -3.81 10.58 29.73
N VAL C 293 -4.87 9.81 29.53
CA VAL C 293 -5.35 8.84 30.53
C VAL C 293 -4.31 7.76 30.84
N ASP C 294 -4.14 7.45 32.13
CA ASP C 294 -3.21 6.41 32.56
C ASP C 294 -3.90 5.22 33.24
N LEU C 295 -5.23 5.24 33.32
CA LEU C 295 -5.98 4.14 33.93
C LEU C 295 -7.46 4.16 33.55
N LEU C 296 -7.93 3.04 33.00
CA LEU C 296 -9.33 2.91 32.64
C LEU C 296 -10.08 1.95 33.57
N ILE C 297 -11.28 2.35 33.98
CA ILE C 297 -12.12 1.51 34.82
C ILE C 297 -13.56 1.50 34.30
N VAL C 298 -14.03 0.31 33.91
CA VAL C 298 -15.40 0.12 33.45
C VAL C 298 -16.31 -0.37 34.58
N ILE C 299 -17.40 0.35 34.83
CA ILE C 299 -18.31 -0.02 35.91
C ILE C 299 -19.76 -0.11 35.44
N GLY C 300 -20.35 -1.30 35.59
CA GLY C 300 -21.76 -1.49 35.30
C GLY C 300 -22.12 -1.33 33.83
N SER C 301 -21.21 -1.73 32.96
CA SER C 301 -21.46 -1.70 31.52
C SER C 301 -20.76 -2.87 30.84
N SER C 302 -21.49 -3.54 29.95
CA SER C 302 -20.95 -4.73 29.27
C SER C 302 -20.31 -4.39 27.93
N LEU C 303 -20.40 -3.12 27.54
CA LEU C 303 -19.72 -2.60 26.36
C LEU C 303 -20.08 -3.40 25.11
N LYS C 304 -21.38 -3.53 24.85
CA LYS C 304 -21.87 -4.29 23.72
C LYS C 304 -22.21 -3.37 22.56
N VAL C 305 -22.58 -2.13 22.90
CA VAL C 305 -23.00 -1.15 21.92
C VAL C 305 -21.86 -0.24 21.46
N ARG C 306 -21.73 -0.12 20.14
CA ARG C 306 -20.76 0.76 19.53
C ARG C 306 -21.36 2.13 19.25
N PRO C 307 -20.53 3.17 19.14
CA PRO C 307 -19.06 3.20 19.12
C PRO C 307 -18.41 3.32 20.49
N VAL C 308 -19.20 3.36 21.55
CA VAL C 308 -18.66 3.52 22.89
C VAL C 308 -17.78 2.32 23.24
N ALA C 309 -18.24 1.14 22.83
CA ALA C 309 -17.53 -0.11 23.10
C ALA C 309 -16.11 -0.11 22.54
N LEU C 310 -15.83 0.79 21.61
CA LEU C 310 -14.52 0.84 20.97
C LEU C 310 -13.47 1.51 21.84
N ILE C 311 -13.93 2.24 22.87
CA ILE C 311 -13.02 3.02 23.70
C ILE C 311 -11.85 2.23 24.30
N PRO C 312 -12.11 1.05 24.93
CA PRO C 312 -11.00 0.33 25.55
C PRO C 312 -9.90 -0.07 24.57
N SER C 313 -10.29 -0.36 23.34
CA SER C 313 -9.35 -0.79 22.31
C SER C 313 -8.73 0.42 21.61
N SER C 314 -9.25 1.61 21.93
CA SER C 314 -8.89 2.82 21.21
C SER C 314 -7.79 3.60 21.91
N ILE C 315 -7.59 3.30 23.19
CA ILE C 315 -6.55 3.99 23.95
C ILE C 315 -5.23 3.24 23.77
N PRO C 316 -4.10 3.93 24.03
CA PRO C 316 -2.80 3.25 23.99
C PRO C 316 -2.78 2.01 24.89
N HIS C 317 -2.29 0.90 24.36
CA HIS C 317 -2.33 -0.40 25.03
C HIS C 317 -1.58 -0.39 26.37
N GLU C 318 -0.66 0.57 26.51
CA GLU C 318 0.17 0.68 27.70
C GLU C 318 -0.66 1.02 28.94
N VAL C 319 -1.82 1.61 28.74
CA VAL C 319 -2.74 1.93 29.82
C VAL C 319 -3.33 0.69 30.51
N PRO C 320 -3.09 0.56 31.83
CA PRO C 320 -3.67 -0.54 32.63
C PRO C 320 -5.18 -0.47 32.68
N GLN C 321 -5.84 -1.62 32.63
CA GLN C 321 -7.31 -1.64 32.60
C GLN C 321 -7.91 -2.43 33.75
N ILE C 322 -8.98 -1.89 34.34
CA ILE C 322 -9.65 -2.54 35.44
C ILE C 322 -11.14 -2.69 35.14
N LEU C 323 -11.68 -3.88 35.34
CA LEU C 323 -13.10 -4.13 35.08
C LEU C 323 -13.89 -4.29 36.37
N ILE C 324 -15.03 -3.61 36.45
CA ILE C 324 -15.94 -3.79 37.58
C ILE C 324 -17.36 -4.00 37.06
N ASN C 325 -17.72 -5.26 36.82
CA ASN C 325 -19.04 -5.61 36.30
C ASN C 325 -19.54 -6.93 36.88
N ARG C 326 -20.80 -7.26 36.62
CA ARG C 326 -21.36 -8.53 37.09
C ARG C 326 -20.86 -9.69 36.22
N GLU C 327 -20.44 -9.38 34.99
CA GLU C 327 -19.96 -10.40 34.06
C GLU C 327 -18.66 -9.93 33.39
N PRO C 328 -17.77 -10.88 33.05
CA PRO C 328 -16.49 -10.62 32.35
C PRO C 328 -16.65 -10.20 30.89
N LEU C 329 -15.60 -9.62 30.31
CA LEU C 329 -15.59 -9.28 28.89
C LEU C 329 -14.59 -10.17 28.13
N PRO C 330 -15.12 -11.00 27.20
CA PRO C 330 -14.32 -11.97 26.44
C PRO C 330 -13.43 -11.33 25.39
N HIS C 331 -13.99 -10.35 24.68
CA HIS C 331 -13.30 -9.67 23.58
C HIS C 331 -12.31 -8.62 24.07
N LEU C 332 -12.04 -8.60 25.37
CA LEU C 332 -11.14 -7.61 25.95
C LEU C 332 -10.31 -8.24 27.06
N HIS C 333 -9.04 -7.85 27.12
CA HIS C 333 -8.11 -8.40 28.09
C HIS C 333 -7.74 -7.35 29.12
N PHE C 334 -8.29 -7.48 30.32
CA PHE C 334 -8.01 -6.55 31.40
C PHE C 334 -6.87 -7.06 32.28
N ASP C 335 -6.19 -6.15 32.95
CA ASP C 335 -5.11 -6.53 33.86
C ASP C 335 -5.66 -7.16 35.14
N VAL C 336 -6.71 -6.54 35.67
CA VAL C 336 -7.40 -7.04 36.87
C VAL C 336 -8.91 -7.02 36.64
N GLU C 337 -9.56 -8.16 36.88
CA GLU C 337 -11.01 -8.25 36.70
C GLU C 337 -11.72 -8.47 38.02
N LEU C 338 -12.46 -7.46 38.45
CA LEU C 338 -13.27 -7.55 39.66
C LEU C 338 -14.74 -7.77 39.26
N LEU C 339 -15.23 -8.98 39.50
CA LEU C 339 -16.56 -9.38 39.06
C LEU C 339 -17.55 -9.50 40.21
N GLY C 340 -18.60 -8.69 40.17
CA GLY C 340 -19.62 -8.72 41.21
C GLY C 340 -20.52 -7.50 41.14
N ASP C 341 -21.31 -7.28 42.20
CA ASP C 341 -22.07 -6.05 42.32
C ASP C 341 -21.09 -4.88 42.47
N CYS C 342 -21.43 -3.75 41.86
CA CYS C 342 -20.55 -2.59 41.81
C CYS C 342 -20.28 -1.95 43.17
N ASP C 343 -21.36 -1.72 43.93
CA ASP C 343 -21.29 -1.00 45.20
C ASP C 343 -20.35 -1.67 46.21
N VAL C 344 -20.38 -2.99 46.26
CA VAL C 344 -19.51 -3.76 47.15
C VAL C 344 -18.03 -3.53 46.84
N ILE C 345 -17.67 -3.75 45.57
CA ILE C 345 -16.29 -3.62 45.12
C ILE C 345 -15.79 -2.19 45.34
N ILE C 346 -16.65 -1.22 45.06
CA ILE C 346 -16.30 0.18 45.28
C ILE C 346 -16.03 0.45 46.77
N ASN C 347 -16.91 -0.03 47.65
CA ASN C 347 -16.70 0.09 49.09
C ASN C 347 -15.35 -0.51 49.53
N GLU C 348 -15.10 -1.73 49.08
CA GLU C 348 -13.85 -2.44 49.35
C GLU C 348 -12.62 -1.62 48.94
N LEU C 349 -12.65 -1.08 47.73
CA LEU C 349 -11.55 -0.25 47.23
C LEU C 349 -11.43 1.05 48.04
N CYS C 350 -12.57 1.61 48.46
CA CYS C 350 -12.56 2.79 49.32
C CYS C 350 -11.76 2.52 50.59
N HIS C 351 -12.15 1.47 51.31
CA HIS C 351 -11.43 1.07 52.51
C HIS C 351 -9.97 0.68 52.23
N ARG C 352 -9.69 0.20 51.02
CA ARG C 352 -8.34 -0.18 50.63
C ARG C 352 -7.45 1.02 50.31
N LEU C 353 -8.08 2.14 49.98
CA LEU C 353 -7.33 3.36 49.64
C LEU C 353 -6.99 4.11 50.93
N GLY C 354 -7.83 3.93 51.93
CA GLY C 354 -7.66 4.56 53.23
C GLY C 354 -7.88 6.05 53.20
N GLY C 355 -7.60 6.72 54.32
CA GLY C 355 -7.75 8.16 54.40
C GLY C 355 -9.19 8.60 54.19
N GLU C 356 -9.36 9.76 53.56
CA GLU C 356 -10.68 10.34 53.31
C GLU C 356 -11.51 9.43 52.40
N TYR C 357 -10.82 8.64 51.57
CA TYR C 357 -11.47 7.67 50.70
C TYR C 357 -12.37 6.77 51.53
N ALA C 358 -11.74 6.12 52.52
CA ALA C 358 -12.43 5.25 53.45
C ALA C 358 -13.38 6.04 54.36
N LYS C 359 -13.00 7.27 54.68
CA LYS C 359 -13.83 8.08 55.58
C LYS C 359 -15.14 8.53 54.95
N LEU C 360 -15.26 8.41 53.63
CA LEU C 360 -16.49 8.85 52.97
C LEU C 360 -17.46 7.67 52.85
N SER C 361 -17.02 6.50 53.33
CA SER C 361 -17.80 5.28 53.22
C SER C 361 -17.91 4.56 54.55
N PHE C 376 -10.48 -15.46 45.10
CA PHE C 376 -9.31 -15.10 44.31
C PHE C 376 -8.97 -16.24 43.35
N LEU C 377 -9.05 -15.99 42.05
CA LEU C 377 -8.66 -16.97 41.05
C LEU C 377 -7.46 -16.52 40.22
N PRO C 378 -6.24 -16.79 40.70
CA PRO C 378 -4.97 -16.40 40.07
C PRO C 378 -4.91 -16.68 38.56
N PRO C 379 -4.22 -15.82 37.80
CA PRO C 379 -3.52 -14.63 38.30
C PRO C 379 -4.34 -13.33 38.22
N ASN C 380 -5.42 -13.34 37.44
CA ASN C 380 -6.12 -12.11 37.10
C ASN C 380 -7.49 -11.94 37.79
N ARG C 381 -8.19 -13.05 38.00
CA ARG C 381 -9.63 -13.01 38.29
C ARG C 381 -9.97 -12.82 39.77
N TYR C 382 -11.00 -12.01 40.01
CA TYR C 382 -11.58 -11.86 41.34
C TYR C 382 -13.10 -12.01 41.21
N ILE C 383 -13.68 -12.97 41.92
CA ILE C 383 -15.12 -13.16 41.84
C ILE C 383 -15.78 -12.75 43.16
N PHE C 384 -16.67 -11.77 43.08
CA PHE C 384 -17.40 -11.29 44.26
C PHE C 384 -18.86 -11.68 44.18
N HIS C 385 -19.62 -11.32 45.23
CA HIS C 385 -21.06 -11.58 45.27
C HIS C 385 -21.80 -10.80 44.18
N ARG D 2 -4.52 -22.24 -2.23
CA ARG D 2 -4.08 -21.27 -3.21
C ARG D 2 -2.67 -21.59 -3.73
N HIS D 3 -1.92 -22.37 -2.97
CA HIS D 3 -0.56 -22.76 -3.39
C HIS D 3 -0.55 -24.14 -4.04
N LYS D 4 -1.17 -24.27 -5.21
CA LYS D 4 -1.12 -25.52 -5.95
C LYS D 4 0.11 -25.55 -6.83
N ARG E 2 2.41 9.93 -18.66
CA ARG E 2 1.38 10.45 -17.77
C ARG E 2 1.70 11.85 -17.26
N HIS E 3 2.85 12.39 -17.65
CA HIS E 3 3.23 13.71 -17.16
C HIS E 3 3.23 14.75 -18.26
N LYS E 4 2.10 14.87 -18.97
CA LYS E 4 1.98 15.89 -19.99
C LYS E 4 1.85 17.26 -19.34
N ARG F 2 -19.90 9.01 10.92
CA ARG F 2 -19.31 7.68 10.80
C ARG F 2 -19.64 6.83 12.02
N HIS F 3 -19.46 7.41 13.21
CA HIS F 3 -19.62 6.66 14.46
C HIS F 3 -21.01 6.73 15.07
N LYS F 4 -22.05 6.53 14.25
CA LYS F 4 -23.42 6.54 14.75
C LYS F 4 -23.65 5.42 15.76
#